data_5KNP
#
_entry.id   5KNP
#
_cell.length_a   55.264
_cell.length_b   85.678
_cell.length_c   154.586
_cell.angle_alpha   90.000
_cell.angle_beta   90.000
_cell.angle_gamma   90.000
#
_symmetry.space_group_name_H-M   'P 21 21 21'
#
loop_
_entity.id
_entity.type
_entity.pdbx_description
1 polymer 'Hypoxanthine-guanine phosphoribosyltransferase'
2 non-polymer '[(3~{S},4~{R})-4-(6-oxidanylidene-1~{H}-purin-9-yl)pyrrolidin-3-yl]oxymethylphosphonic acid'
3 non-polymer 'MAGNESIUM ION'
4 non-polymer 'PYROPHOSPHATE 2-'
5 water water
#
_entity_poly.entity_id   1
_entity_poly.type   'polypeptide(L)'
_entity_poly.pdbx_seq_one_letter_code
;HHHHHHHVTQSSSAITPGQTAELYPGDIKSVLLTAEQIQARIAELGEQIGNDYRELSATTGQDLLLITVLKGAVLFVTDL
ARAIPVPTQFEFMAVSSYGSSTSSSGVVRILKDLDRDIHGRDVLIVEDVVDSGLTLSWLSRNLTSRNPRSLRVCTLLRKP
DAVHANVEIAYVGFDIPNDFVVGYGLDYDERYRDLSYIGTLDPRVYQ
;
_entity_poly.pdbx_strand_id   A,B,C,D
#
loop_
_chem_comp.id
_chem_comp.type
_chem_comp.name
_chem_comp.formula
6W7 non-polymer '[(3~{S},4~{R})-4-(6-oxidanylidene-1~{H}-purin-9-yl)pyrrolidin-3-yl]oxymethylphosphonic acid' 'C10 H14 N5 O5 P'
MG non-polymer 'MAGNESIUM ION' 'Mg 2'
POP non-polymer 'PYROPHOSPHATE 2-' 'H2 O7 P2 -2'
#
# COMPACT_ATOMS: atom_id res chain seq x y z
N GLU A 22 -19.60 -16.46 28.53
CA GLU A 22 -18.24 -16.67 28.05
C GLU A 22 -18.22 -16.87 26.53
N LEU A 23 -17.24 -16.25 25.87
CA LEU A 23 -17.14 -16.31 24.42
C LEU A 23 -16.44 -17.59 23.95
N TYR A 24 -15.32 -17.91 24.58
CA TYR A 24 -14.54 -19.08 24.18
C TYR A 24 -14.36 -20.06 25.35
N PRO A 25 -15.34 -20.95 25.54
CA PRO A 25 -15.30 -21.94 26.63
C PRO A 25 -14.27 -23.03 26.41
N GLY A 26 -13.26 -23.09 27.29
CA GLY A 26 -12.25 -24.12 27.21
C GLY A 26 -10.95 -23.65 26.57
N ASP A 27 -11.05 -22.62 25.72
CA ASP A 27 -9.88 -22.11 25.03
C ASP A 27 -9.00 -21.27 25.96
N ILE A 28 -9.64 -20.63 26.94
CA ILE A 28 -8.90 -19.83 27.92
C ILE A 28 -8.44 -20.70 29.09
N LYS A 29 -7.16 -21.03 29.09
CA LYS A 29 -6.58 -21.87 30.13
C LYS A 29 -6.63 -21.19 31.49
N SER A 30 -6.14 -19.96 31.54
CA SER A 30 -6.11 -19.19 32.79
C SER A 30 -6.27 -17.70 32.52
N VAL A 31 -6.83 -16.99 33.49
CA VAL A 31 -6.99 -15.54 33.38
C VAL A 31 -5.77 -14.82 33.94
N LEU A 32 -5.05 -14.10 33.08
CA LEU A 32 -3.85 -13.40 33.49
C LEU A 32 -4.16 -12.01 34.02
N LEU A 33 -4.88 -11.23 33.21
CA LEU A 33 -5.25 -9.86 33.59
C LEU A 33 -6.71 -9.59 33.28
N THR A 34 -7.51 -9.38 34.32
CA THR A 34 -8.92 -9.09 34.15
C THR A 34 -9.10 -7.69 33.56
N ALA A 35 -10.31 -7.40 33.09
CA ALA A 35 -10.62 -6.10 32.50
C ALA A 35 -10.44 -4.97 33.52
N GLU A 36 -10.65 -5.29 34.78
CA GLU A 36 -10.50 -4.32 35.86
C GLU A 36 -9.05 -3.89 36.02
N GLN A 37 -8.13 -4.84 35.93
CA GLN A 37 -6.70 -4.56 36.06
C GLN A 37 -6.22 -3.68 34.90
N ILE A 38 -6.65 -4.02 33.69
CA ILE A 38 -6.22 -3.34 32.48
C ILE A 38 -6.64 -1.87 32.48
N GLN A 39 -7.93 -1.62 32.68
CA GLN A 39 -8.45 -0.25 32.63
C GLN A 39 -7.89 0.60 33.75
N ALA A 40 -7.63 -0.01 34.90
CA ALA A 40 -7.06 0.70 36.04
C ALA A 40 -5.61 1.10 35.79
N ARG A 41 -4.88 0.22 35.09
CA ARG A 41 -3.49 0.48 34.77
C ARG A 41 -3.38 1.56 33.68
N ILE A 42 -4.28 1.49 32.71
CA ILE A 42 -4.30 2.47 31.63
C ILE A 42 -4.66 3.85 32.17
N ALA A 43 -5.53 3.88 33.17
CA ALA A 43 -5.94 5.11 33.81
C ALA A 43 -4.74 5.85 34.43
N GLU A 44 -3.85 5.10 35.07
CA GLU A 44 -2.69 5.69 35.71
C GLU A 44 -1.52 5.83 34.73
N LEU A 45 -1.57 5.05 33.64
CA LEU A 45 -0.58 5.21 32.57
C LEU A 45 -0.82 6.51 31.83
N GLY A 46 -2.08 6.80 31.53
CA GLY A 46 -2.45 8.02 30.84
C GLY A 46 -2.08 9.26 31.66
N GLU A 47 -2.29 9.18 32.97
CA GLU A 47 -1.95 10.28 33.87
C GLU A 47 -0.45 10.54 33.86
N GLN A 48 0.33 9.48 33.80
CA GLN A 48 1.79 9.59 33.75
C GLN A 48 2.23 10.23 32.44
N ILE A 49 1.68 9.75 31.33
CA ILE A 49 1.97 10.29 30.02
C ILE A 49 1.52 11.74 29.91
N GLY A 50 0.35 12.03 30.49
CA GLY A 50 -0.19 13.37 30.48
C GLY A 50 0.69 14.34 31.24
N ASN A 51 1.20 13.90 32.39
CA ASN A 51 2.09 14.73 33.20
C ASN A 51 3.41 15.03 32.50
N ASP A 52 3.85 14.09 31.66
CA ASP A 52 5.12 14.22 30.95
C ASP A 52 4.99 15.10 29.71
N TYR A 53 3.83 15.04 29.05
CA TYR A 53 3.61 15.80 27.82
C TYR A 53 2.70 16.99 28.05
N ARG A 54 2.63 17.47 29.29
CA ARG A 54 1.82 18.64 29.61
C ARG A 54 2.49 19.91 29.11
N GLU A 55 3.81 20.00 29.32
CA GLU A 55 4.58 21.15 28.86
C GLU A 55 5.01 20.96 27.40
N LEU A 56 4.04 20.68 26.55
CA LEU A 56 4.30 20.47 25.13
C LEU A 56 3.09 20.86 24.29
N SER A 57 1.94 20.92 24.94
CA SER A 57 0.70 21.32 24.28
C SER A 57 0.61 22.84 24.20
N ALA A 58 1.48 23.51 24.94
CA ALA A 58 1.54 24.97 24.93
C ALA A 58 2.95 25.46 24.65
N THR A 59 3.93 24.61 24.97
CA THR A 59 5.33 24.94 24.75
C THR A 59 5.68 24.83 23.27
N THR A 60 5.01 23.93 22.57
CA THR A 60 5.23 23.75 21.14
C THR A 60 4.06 24.33 20.35
N GLY A 61 2.97 23.59 20.25
CA GLY A 61 1.79 24.04 19.55
C GLY A 61 1.00 22.91 18.92
N GLN A 62 1.58 21.72 18.90
CA GLN A 62 0.92 20.56 18.31
C GLN A 62 0.70 19.45 19.33
N ASP A 63 -0.37 18.68 19.12
CA ASP A 63 -0.77 17.66 20.09
C ASP A 63 0.13 16.42 20.03
N LEU A 64 0.08 15.62 21.10
CA LEU A 64 0.83 14.38 21.17
C LEU A 64 0.36 13.41 20.09
N LEU A 65 1.31 12.82 19.38
CA LEU A 65 0.99 11.93 18.26
C LEU A 65 1.18 10.46 18.63
N LEU A 66 0.08 9.72 18.65
CA LEU A 66 0.12 8.29 18.95
C LEU A 66 0.20 7.45 17.68
N ILE A 67 1.30 6.74 17.51
CA ILE A 67 1.48 5.88 16.34
C ILE A 67 1.34 4.41 16.73
N THR A 68 0.39 3.73 16.10
CA THR A 68 0.05 2.36 16.45
C THR A 68 0.21 1.39 15.28
N VAL A 69 0.89 0.28 15.51
CA VAL A 69 1.01 -0.77 14.51
C VAL A 69 -0.21 -1.67 14.53
N LEU A 70 -0.87 -1.82 13.38
CA LEU A 70 -2.04 -2.67 13.26
C LEU A 70 -1.68 -4.13 13.53
N LYS A 71 -2.59 -4.87 14.16
CA LYS A 71 -3.89 -4.35 14.57
C LYS A 71 -4.25 -4.74 15.99
N GLY A 72 -3.36 -5.47 16.65
CA GLY A 72 -3.61 -5.93 18.00
C GLY A 72 -3.60 -4.82 19.04
N ALA A 73 -3.05 -3.66 18.67
CA ALA A 73 -2.90 -2.56 19.61
C ALA A 73 -3.94 -1.47 19.37
N VAL A 74 -5.05 -1.81 18.74
CA VAL A 74 -6.09 -0.81 18.48
C VAL A 74 -7.00 -0.66 19.71
N LEU A 75 -7.23 -1.74 20.43
CA LEU A 75 -8.05 -1.70 21.64
C LEU A 75 -7.33 -0.89 22.72
N PHE A 76 -6.02 -1.07 22.79
CA PHE A 76 -5.21 -0.40 23.81
C PHE A 76 -5.07 1.09 23.53
N VAL A 77 -4.89 1.46 22.26
CA VAL A 77 -4.67 2.86 21.90
C VAL A 77 -5.94 3.69 22.03
N THR A 78 -7.10 3.05 21.90
CA THR A 78 -8.37 3.76 22.02
C THR A 78 -8.67 4.06 23.49
N ASP A 79 -8.35 3.11 24.36
CA ASP A 79 -8.55 3.30 25.80
C ASP A 79 -7.49 4.23 26.38
N LEU A 80 -6.28 4.15 25.83
CA LEU A 80 -5.17 4.97 26.32
C LEU A 80 -5.35 6.44 25.97
N ALA A 81 -5.71 6.70 24.72
CA ALA A 81 -5.89 8.08 24.24
C ALA A 81 -6.96 8.82 25.03
N ARG A 82 -7.98 8.09 25.47
CA ARG A 82 -9.04 8.68 26.27
C ARG A 82 -8.63 8.76 27.74
N ALA A 83 -7.57 8.06 28.10
CA ALA A 83 -7.07 8.06 29.47
C ALA A 83 -5.97 9.10 29.65
N ILE A 84 -5.47 9.65 28.55
CA ILE A 84 -4.44 10.67 28.59
C ILE A 84 -5.08 12.06 28.61
N PRO A 85 -4.85 12.81 29.70
CA PRO A 85 -5.48 14.11 29.95
C PRO A 85 -4.96 15.26 29.07
N VAL A 86 -4.23 14.94 28.02
CA VAL A 86 -3.83 15.94 27.04
C VAL A 86 -4.34 15.52 25.65
N PRO A 87 -4.54 16.50 24.75
CA PRO A 87 -5.01 16.16 23.41
C PRO A 87 -4.05 15.25 22.64
N THR A 88 -4.56 14.17 22.09
CA THR A 88 -3.74 13.21 21.35
C THR A 88 -4.34 12.92 19.97
N GLN A 89 -3.47 12.66 19.00
CA GLN A 89 -3.90 12.33 17.65
C GLN A 89 -3.59 10.87 17.31
N PHE A 90 -4.20 10.37 16.23
CA PHE A 90 -4.04 8.98 15.84
C PHE A 90 -3.31 8.80 14.52
N GLU A 91 -2.38 7.86 14.50
CA GLU A 91 -1.72 7.43 13.26
C GLU A 91 -1.52 5.92 13.31
N PHE A 92 -1.80 5.25 12.20
CA PHE A 92 -1.71 3.79 12.15
C PHE A 92 -0.73 3.31 11.08
N MET A 93 -0.12 2.15 11.35
CA MET A 93 0.78 1.54 10.38
C MET A 93 0.44 0.06 10.19
N ALA A 94 0.46 -0.39 8.95
CA ALA A 94 0.27 -1.80 8.64
C ALA A 94 1.55 -2.40 8.07
N VAL A 95 2.07 -3.42 8.74
CA VAL A 95 3.31 -4.05 8.30
C VAL A 95 3.17 -5.56 8.17
N SER A 96 4.01 -6.15 7.32
CA SER A 96 4.06 -7.59 7.17
C SER A 96 5.51 -8.06 7.14
N SER A 97 5.75 -9.29 7.57
CA SER A 97 7.10 -9.83 7.64
C SER A 97 7.58 -10.34 6.29
N TYR A 98 8.86 -10.15 6.01
CA TYR A 98 9.48 -10.69 4.80
C TYR A 98 9.80 -12.16 4.97
N GLY A 99 9.08 -13.01 4.24
CA GLY A 99 9.28 -14.44 4.33
C GLY A 99 9.40 -15.09 2.97
N VAL A 107 13.31 -6.21 9.95
CA VAL A 107 13.06 -5.97 8.53
C VAL A 107 11.66 -6.43 8.14
N VAL A 108 10.75 -5.47 8.02
CA VAL A 108 9.36 -5.77 7.65
C VAL A 108 8.89 -4.91 6.49
N ARG A 109 7.95 -5.43 5.72
CA ARG A 109 7.37 -4.70 4.59
C ARG A 109 6.28 -3.76 5.06
N ILE A 110 6.27 -2.55 4.51
CA ILE A 110 5.23 -1.57 4.84
C ILE A 110 4.02 -1.74 3.93
N LEU A 111 2.91 -2.19 4.50
CA LEU A 111 1.67 -2.36 3.75
C LEU A 111 0.91 -1.04 3.69
N LYS A 112 1.01 -0.26 4.76
CA LYS A 112 0.38 1.06 4.83
C LYS A 112 1.22 2.01 5.67
N ASP A 113 1.71 3.08 5.04
CA ASP A 113 2.54 4.05 5.73
C ASP A 113 1.70 5.09 6.47
N LEU A 114 2.36 5.99 7.19
CA LEU A 114 1.68 7.05 7.90
C LEU A 114 1.01 8.03 6.93
N ASP A 115 0.05 8.79 7.44
CA ASP A 115 -0.66 9.77 6.62
C ASP A 115 0.01 11.14 6.68
N ARG A 116 0.62 11.44 7.82
CA ARG A 116 1.22 12.75 8.04
C ARG A 116 2.73 12.68 8.26
N ASP A 117 3.42 13.75 7.90
CA ASP A 117 4.84 13.90 8.18
C ASP A 117 5.04 14.21 9.65
N ILE A 118 5.72 13.32 10.36
CA ILE A 118 5.88 13.45 11.81
C ILE A 118 7.08 14.34 12.19
N HIS A 119 7.54 15.14 11.24
CA HIS A 119 8.66 16.06 11.49
C HIS A 119 8.29 17.10 12.53
N GLY A 120 9.12 17.20 13.58
CA GLY A 120 8.90 18.16 14.64
C GLY A 120 7.71 17.83 15.50
N ARG A 121 7.31 16.57 15.48
CA ARG A 121 6.16 16.11 16.26
C ARG A 121 6.58 15.29 17.47
N ASP A 122 5.79 15.36 18.53
CA ASP A 122 6.01 14.52 19.70
C ASP A 122 5.32 13.18 19.51
N VAL A 123 6.10 12.16 19.15
CA VAL A 123 5.55 10.87 18.79
C VAL A 123 5.69 9.84 19.91
N LEU A 124 4.58 9.16 20.22
CA LEU A 124 4.59 8.09 21.21
C LEU A 124 4.13 6.79 20.58
N ILE A 125 5.07 5.88 20.34
CA ILE A 125 4.75 4.58 19.77
C ILE A 125 3.94 3.74 20.75
N VAL A 126 2.78 3.29 20.31
CA VAL A 126 1.90 2.49 21.16
C VAL A 126 1.81 1.04 20.69
N GLU A 127 2.39 0.14 21.48
CA GLU A 127 2.35 -1.29 21.17
C GLU A 127 1.46 -2.03 22.16
N ASP A 128 1.12 -3.27 21.82
CA ASP A 128 0.33 -4.11 22.70
C ASP A 128 1.23 -5.03 23.53
N VAL A 129 2.23 -5.63 22.88
CA VAL A 129 3.14 -6.54 23.55
C VAL A 129 4.53 -6.47 22.92
N VAL A 130 5.56 -6.46 23.76
CA VAL A 130 6.94 -6.50 23.28
C VAL A 130 7.62 -7.79 23.73
N ASP A 131 7.91 -8.67 22.77
CA ASP A 131 8.53 -9.95 23.08
C ASP A 131 9.98 -9.94 22.62
N SER A 132 10.19 -10.15 21.32
CA SER A 132 11.54 -10.13 20.75
C SER A 132 12.01 -8.70 20.52
N GLY A 133 11.07 -7.81 20.23
CA GLY A 133 11.36 -6.41 20.05
C GLY A 133 12.05 -6.09 18.72
N LEU A 134 12.00 -7.05 17.80
CA LEU A 134 12.63 -6.86 16.48
C LEU A 134 11.91 -5.78 15.67
N THR A 135 10.59 -5.90 15.57
CA THR A 135 9.80 -4.94 14.82
C THR A 135 9.83 -3.57 15.50
N LEU A 136 9.82 -3.58 16.82
CA LEU A 136 9.90 -2.34 17.60
C LEU A 136 11.20 -1.60 17.32
N SER A 137 12.28 -2.37 17.20
CA SER A 137 13.59 -1.81 16.87
C SER A 137 13.58 -1.18 15.48
N TRP A 138 12.96 -1.89 14.53
CA TRP A 138 12.84 -1.40 13.16
C TRP A 138 12.01 -0.13 13.10
N LEU A 139 10.87 -0.14 13.78
CA LEU A 139 9.95 1.00 13.79
C LEU A 139 10.59 2.22 14.44
N SER A 140 11.35 1.98 15.51
CA SER A 140 12.05 3.06 16.21
C SER A 140 13.02 3.77 15.27
N ARG A 141 13.83 2.99 14.56
CA ARG A 141 14.80 3.54 13.64
C ARG A 141 14.11 4.22 12.45
N ASN A 142 13.00 3.64 12.01
CA ASN A 142 12.26 4.17 10.87
C ASN A 142 11.63 5.53 11.14
N LEU A 143 11.07 5.70 12.33
CA LEU A 143 10.40 6.95 12.68
C LEU A 143 11.38 8.05 13.06
N THR A 144 12.50 7.67 13.65
CA THR A 144 13.52 8.64 14.06
C THR A 144 14.20 9.30 12.85
N SER A 145 14.24 8.58 11.74
CA SER A 145 14.81 9.11 10.51
C SER A 145 13.87 10.13 9.87
N ARG A 146 12.63 10.16 10.33
CA ARG A 146 11.65 11.15 9.86
C ARG A 146 11.79 12.43 10.68
N ASN A 147 12.74 12.42 11.61
CA ASN A 147 13.07 13.58 12.44
C ASN A 147 11.90 14.12 13.28
N PRO A 148 11.46 13.34 14.28
CA PRO A 148 10.46 13.87 15.22
C PRO A 148 11.14 14.73 16.28
N ARG A 149 10.36 15.55 16.99
CA ARG A 149 10.92 16.34 18.08
C ARG A 149 11.26 15.42 19.25
N SER A 150 10.34 14.50 19.55
CA SER A 150 10.56 13.50 20.59
C SER A 150 9.99 12.15 20.16
N LEU A 151 10.52 11.07 20.73
CA LEU A 151 10.10 9.73 20.35
C LEU A 151 10.24 8.75 21.51
N ARG A 152 9.12 8.35 22.10
CA ARG A 152 9.11 7.38 23.17
C ARG A 152 8.22 6.19 22.82
N VAL A 153 8.28 5.14 23.63
CA VAL A 153 7.51 3.93 23.37
C VAL A 153 6.65 3.55 24.57
N CYS A 154 5.39 3.22 24.29
CA CYS A 154 4.48 2.72 25.33
C CYS A 154 3.87 1.38 24.90
N THR A 155 4.00 0.38 25.77
CA THR A 155 3.42 -0.93 25.50
C THR A 155 2.59 -1.41 26.68
N LEU A 156 1.52 -2.13 26.38
CA LEU A 156 0.65 -2.67 27.43
C LEU A 156 1.32 -3.82 28.16
N LEU A 157 1.94 -4.71 27.40
CA LEU A 157 2.58 -5.89 27.97
C LEU A 157 4.04 -5.98 27.56
N ARG A 158 4.86 -6.49 28.48
CA ARG A 158 6.27 -6.73 28.19
C ARG A 158 6.66 -8.15 28.59
N LYS A 159 7.28 -8.87 27.66
CA LYS A 159 7.69 -10.25 27.90
C LYS A 159 9.20 -10.30 28.22
N PRO A 160 9.64 -11.36 28.94
CA PRO A 160 11.03 -11.48 29.41
C PRO A 160 12.10 -11.32 28.33
N ASP A 161 11.81 -11.74 27.10
CA ASP A 161 12.80 -11.67 26.03
C ASP A 161 13.06 -10.24 25.57
N ALA A 162 12.24 -9.31 26.03
CA ALA A 162 12.39 -7.91 25.68
C ALA A 162 13.59 -7.28 26.39
N VAL A 163 14.23 -8.05 27.25
CA VAL A 163 15.46 -7.60 27.90
C VAL A 163 16.62 -7.73 26.91
N HIS A 164 16.56 -8.76 26.07
CA HIS A 164 17.64 -9.07 25.14
C HIS A 164 17.79 -8.02 24.05
N ALA A 165 16.69 -7.64 23.44
CA ALA A 165 16.67 -6.39 22.68
C ALA A 165 16.61 -5.26 23.70
N ASN A 166 17.18 -4.11 23.38
CA ASN A 166 16.91 -2.96 24.22
C ASN A 166 16.52 -1.79 23.36
N VAL A 167 15.23 -1.54 23.33
CA VAL A 167 14.68 -0.28 22.86
C VAL A 167 14.08 0.33 24.13
N GLU A 168 14.45 1.56 24.45
CA GLU A 168 13.98 2.15 25.70
C GLU A 168 12.47 2.32 25.68
N ILE A 169 11.80 1.64 26.61
CA ILE A 169 10.35 1.75 26.74
C ILE A 169 10.01 2.54 27.98
N ALA A 170 9.55 3.78 27.78
CA ALA A 170 9.29 4.69 28.89
C ALA A 170 8.01 4.32 29.66
N TYR A 171 7.08 3.66 28.98
CA TYR A 171 5.80 3.35 29.59
C TYR A 171 5.39 1.90 29.39
N VAL A 172 5.50 1.10 30.46
CA VAL A 172 5.14 -0.30 30.41
C VAL A 172 3.94 -0.58 31.30
N GLY A 173 2.90 -1.18 30.72
CA GLY A 173 1.69 -1.51 31.46
C GLY A 173 1.90 -2.66 32.42
N PHE A 174 2.23 -3.83 31.88
CA PHE A 174 2.41 -5.02 32.69
C PHE A 174 3.63 -5.83 32.27
N ASP A 175 4.33 -6.40 33.25
CA ASP A 175 5.37 -7.37 32.98
C ASP A 175 4.82 -8.77 33.23
N ILE A 176 4.81 -9.59 32.18
CA ILE A 176 4.21 -10.92 32.25
C ILE A 176 5.20 -12.01 31.87
N PRO A 177 4.98 -13.25 32.34
CA PRO A 177 5.83 -14.39 31.98
C PRO A 177 5.85 -14.67 30.47
N ASN A 178 6.76 -15.56 30.05
CA ASN A 178 6.89 -15.91 28.65
C ASN A 178 5.89 -16.97 28.22
N ASP A 179 4.60 -16.67 28.39
CA ASP A 179 3.54 -17.56 27.95
C ASP A 179 2.64 -16.86 26.95
N PHE A 180 2.24 -17.57 25.90
CA PHE A 180 1.39 -17.00 24.88
C PHE A 180 0.01 -16.67 25.45
N VAL A 181 -0.37 -15.41 25.33
CA VAL A 181 -1.66 -14.95 25.86
C VAL A 181 -2.51 -14.31 24.76
N VAL A 182 -3.82 -14.31 24.98
CA VAL A 182 -4.75 -13.68 24.05
C VAL A 182 -5.71 -12.75 24.79
N GLY A 183 -6.49 -12.00 24.04
CA GLY A 183 -7.44 -11.06 24.61
C GLY A 183 -6.96 -9.63 24.53
N TYR A 184 -7.92 -8.70 24.49
CA TYR A 184 -7.62 -7.27 24.42
C TYR A 184 -6.71 -6.94 23.25
N GLY A 185 -7.15 -7.31 22.05
CA GLY A 185 -6.38 -7.06 20.84
C GLY A 185 -5.45 -8.20 20.48
N LEU A 186 -4.90 -8.87 21.48
CA LEU A 186 -4.02 -10.00 21.26
C LEU A 186 -4.78 -11.17 20.65
N ASP A 187 -4.14 -11.90 19.74
CA ASP A 187 -4.83 -12.94 18.99
C ASP A 187 -4.04 -14.22 18.80
N TYR A 188 -4.78 -15.26 18.42
CA TYR A 188 -4.19 -16.47 17.85
C TYR A 188 -4.99 -16.82 16.60
N ASP A 189 -4.39 -16.62 15.44
CA ASP A 189 -5.05 -16.79 14.16
C ASP A 189 -6.29 -15.91 14.08
N GLU A 190 -6.11 -14.63 14.39
CA GLU A 190 -7.14 -13.59 14.28
C GLU A 190 -8.35 -13.81 15.19
N ARG A 191 -8.18 -14.62 16.22
CA ARG A 191 -9.28 -14.88 17.16
C ARG A 191 -8.94 -14.35 18.55
N TYR A 192 -9.95 -14.35 19.43
CA TYR A 192 -9.81 -13.93 20.82
C TYR A 192 -9.44 -12.45 20.99
N ARG A 193 -9.54 -11.67 19.92
CA ARG A 193 -9.20 -10.25 19.99
C ARG A 193 -10.25 -9.45 20.77
N ASP A 194 -11.50 -9.89 20.70
CA ASP A 194 -12.61 -9.12 21.26
C ASP A 194 -12.82 -9.35 22.76
N LEU A 195 -11.85 -9.99 23.41
CA LEU A 195 -11.93 -10.25 24.85
C LEU A 195 -11.55 -8.99 25.63
N SER A 196 -12.36 -8.67 26.64
CA SER A 196 -12.11 -7.50 27.48
C SER A 196 -10.96 -7.76 28.45
N TYR A 197 -10.63 -9.03 28.64
CA TYR A 197 -9.56 -9.42 29.55
C TYR A 197 -8.43 -10.11 28.80
N ILE A 198 -7.28 -10.26 29.47
CA ILE A 198 -6.15 -10.95 28.89
C ILE A 198 -5.90 -12.26 29.63
N GLY A 199 -5.96 -13.38 28.90
CA GLY A 199 -5.78 -14.68 29.49
C GLY A 199 -4.82 -15.56 28.73
N THR A 200 -4.34 -16.61 29.38
CA THR A 200 -3.42 -17.56 28.76
C THR A 200 -4.18 -18.56 27.90
N LEU A 201 -3.75 -18.72 26.65
CA LEU A 201 -4.42 -19.62 25.72
C LEU A 201 -4.07 -21.07 26.00
N ASP A 202 -5.09 -21.94 25.95
CA ASP A 202 -4.90 -23.36 26.14
C ASP A 202 -4.08 -23.95 24.99
N PRO A 203 -3.10 -24.81 25.31
CA PRO A 203 -2.21 -25.40 24.30
C PRO A 203 -2.92 -26.30 23.30
N ARG A 204 -4.14 -26.71 23.60
CA ARG A 204 -4.91 -27.57 22.70
C ARG A 204 -5.54 -26.79 21.56
N VAL A 205 -5.28 -25.48 21.53
CA VAL A 205 -5.80 -24.62 20.47
C VAL A 205 -4.77 -24.42 19.37
N LEU B 23 -9.74 19.37 27.66
CA LEU B 23 -8.82 19.12 26.56
C LEU B 23 -8.81 20.29 25.58
N TYR B 24 -9.99 20.67 25.09
CA TYR B 24 -10.11 21.75 24.12
C TYR B 24 -11.04 22.85 24.61
N PRO B 25 -10.52 23.74 25.46
CA PRO B 25 -11.32 24.84 26.02
C PRO B 25 -11.70 25.89 24.99
N GLY B 26 -13.00 26.06 24.76
CA GLY B 26 -13.49 27.07 23.84
C GLY B 26 -13.76 26.54 22.44
N ASP B 27 -13.37 25.30 22.19
CA ASP B 27 -13.56 24.68 20.88
C ASP B 27 -14.92 24.02 20.77
N ILE B 28 -15.35 23.36 21.83
CA ILE B 28 -16.64 22.67 21.84
C ILE B 28 -17.75 23.61 22.30
N LYS B 29 -18.75 23.80 21.45
CA LYS B 29 -19.87 24.68 21.77
C LYS B 29 -20.84 24.01 22.73
N SER B 30 -21.23 22.78 22.41
CA SER B 30 -22.15 22.01 23.24
C SER B 30 -21.94 20.52 23.05
N VAL B 31 -22.43 19.72 24.00
CA VAL B 31 -22.29 18.27 23.95
C VAL B 31 -23.53 17.62 23.35
N LEU B 32 -23.38 17.00 22.19
CA LEU B 32 -24.48 16.33 21.52
C LEU B 32 -24.79 14.99 22.19
N LEU B 33 -23.75 14.18 22.38
CA LEU B 33 -23.88 12.87 23.01
C LEU B 33 -22.78 12.64 24.03
N THR B 34 -23.17 12.50 25.29
CA THR B 34 -22.19 12.28 26.36
C THR B 34 -21.56 10.90 26.25
N ALA B 35 -20.46 10.70 26.96
CA ALA B 35 -19.74 9.43 26.92
C ALA B 35 -20.59 8.29 27.49
N GLU B 36 -21.40 8.58 28.49
CA GLU B 36 -22.24 7.57 29.12
C GLU B 36 -23.36 7.12 28.19
N GLN B 37 -23.93 8.05 27.45
CA GLN B 37 -25.01 7.74 26.52
C GLN B 37 -24.52 6.93 25.33
N ILE B 38 -23.28 7.19 24.91
CA ILE B 38 -22.67 6.46 23.81
C ILE B 38 -22.48 4.99 24.16
N GLN B 39 -21.84 4.74 25.31
CA GLN B 39 -21.57 3.39 25.76
C GLN B 39 -22.86 2.62 26.02
N ALA B 40 -23.88 3.34 26.49
CA ALA B 40 -25.17 2.73 26.78
C ALA B 40 -25.86 2.25 25.49
N ARG B 41 -25.74 3.05 24.43
CA ARG B 41 -26.34 2.70 23.15
C ARG B 41 -25.56 1.57 22.48
N ILE B 42 -24.23 1.64 22.59
CA ILE B 42 -23.37 0.60 22.03
C ILE B 42 -23.65 -0.73 22.72
N ALA B 43 -23.93 -0.68 24.01
CA ALA B 43 -24.33 -1.87 24.77
C ALA B 43 -25.59 -2.47 24.18
N GLU B 44 -26.53 -1.60 23.78
CA GLU B 44 -27.76 -2.05 23.14
C GLU B 44 -27.50 -2.63 21.76
N LEU B 45 -26.66 -1.96 20.99
CA LEU B 45 -26.31 -2.41 19.64
C LEU B 45 -25.66 -3.79 19.65
N GLY B 46 -24.68 -3.96 20.53
CA GLY B 46 -23.97 -5.22 20.64
C GLY B 46 -24.91 -6.37 20.96
N GLU B 47 -25.80 -6.15 21.91
CA GLU B 47 -26.79 -7.15 22.29
C GLU B 47 -27.72 -7.47 21.13
N GLN B 48 -28.08 -6.44 20.37
CA GLN B 48 -28.94 -6.60 19.21
C GLN B 48 -28.21 -7.34 18.08
N ILE B 49 -26.99 -6.91 17.80
CA ILE B 49 -26.16 -7.56 16.79
C ILE B 49 -25.85 -9.00 17.20
N GLY B 50 -25.59 -9.19 18.50
CA GLY B 50 -25.28 -10.51 19.03
C GLY B 50 -26.40 -11.51 18.84
N ASN B 51 -27.63 -11.07 19.09
CA ASN B 51 -28.80 -11.93 18.94
C ASN B 51 -29.07 -12.32 17.49
N ASP B 52 -28.73 -11.43 16.57
CA ASP B 52 -28.95 -11.68 15.14
C ASP B 52 -27.91 -12.61 14.55
N TYR B 53 -26.68 -12.52 15.05
CA TYR B 53 -25.58 -13.31 14.48
C TYR B 53 -25.24 -14.54 15.31
N ARG B 54 -26.13 -14.92 16.22
CA ARG B 54 -25.93 -16.13 17.02
C ARG B 54 -26.77 -17.29 16.50
N ALA B 58 -22.45 -20.86 15.44
CA ALA B 58 -22.24 -22.29 15.61
C ALA B 58 -22.38 -23.02 14.28
N THR B 59 -23.31 -22.55 13.45
CA THR B 59 -23.55 -23.15 12.15
C THR B 59 -22.36 -22.96 11.21
N THR B 60 -21.90 -21.72 11.10
CA THR B 60 -20.80 -21.38 10.19
C THR B 60 -19.48 -21.99 10.65
N GLY B 61 -19.19 -21.86 11.94
CA GLY B 61 -17.92 -22.29 12.48
C GLY B 61 -16.89 -21.19 12.36
N GLN B 62 -17.35 -20.03 11.87
CA GLN B 62 -16.49 -18.87 11.69
C GLN B 62 -17.07 -17.67 12.44
N ASP B 63 -16.20 -16.90 13.08
CA ASP B 63 -16.63 -15.75 13.88
C ASP B 63 -17.13 -14.61 12.99
N LEU B 64 -17.91 -13.72 13.59
CA LEU B 64 -18.39 -12.53 12.91
C LEU B 64 -17.20 -11.62 12.55
N LEU B 65 -17.25 -11.04 11.37
CA LEU B 65 -16.14 -10.23 10.88
C LEU B 65 -16.51 -8.75 10.78
N LEU B 66 -15.87 -7.93 11.61
CA LEU B 66 -16.09 -6.49 11.60
C LEU B 66 -15.07 -5.79 10.72
N ILE B 67 -15.54 -5.18 9.63
CA ILE B 67 -14.65 -4.45 8.73
C ILE B 67 -14.82 -2.94 8.91
N THR B 68 -13.73 -2.27 9.24
CA THR B 68 -13.76 -0.84 9.57
C THR B 68 -12.83 -0.02 8.68
N VAL B 69 -13.36 1.07 8.15
CA VAL B 69 -12.54 2.00 7.36
C VAL B 69 -11.84 2.99 8.27
N LEU B 70 -10.51 3.03 8.16
CA LEU B 70 -9.69 3.94 8.96
C LEU B 70 -10.07 5.41 8.69
N LYS B 71 -10.04 6.24 9.73
CA LYS B 71 -9.65 5.82 11.07
C LYS B 71 -10.53 6.43 12.14
N GLY B 72 -11.64 7.03 11.72
CA GLY B 72 -12.55 7.67 12.66
C GLY B 72 -13.42 6.69 13.41
N ALA B 73 -13.50 5.46 12.92
CA ALA B 73 -14.38 4.47 13.51
C ALA B 73 -13.60 3.37 14.26
N VAL B 74 -12.35 3.66 14.61
CA VAL B 74 -11.55 2.69 15.35
C VAL B 74 -11.95 2.65 16.82
N LEU B 75 -12.38 3.79 17.36
CA LEU B 75 -12.84 3.84 18.74
C LEU B 75 -14.18 3.13 18.88
N PHE B 76 -15.05 3.35 17.90
CA PHE B 76 -16.38 2.77 17.92
C PHE B 76 -16.36 1.25 17.76
N VAL B 77 -15.46 0.75 16.92
CA VAL B 77 -15.41 -0.68 16.65
C VAL B 77 -14.81 -1.47 17.81
N THR B 78 -13.91 -0.84 18.58
CA THR B 78 -13.30 -1.52 19.72
C THR B 78 -14.29 -1.67 20.86
N ASP B 79 -15.13 -0.66 21.05
CA ASP B 79 -16.16 -0.70 22.09
C ASP B 79 -17.31 -1.61 21.67
N LEU B 80 -17.64 -1.57 20.38
CA LEU B 80 -18.75 -2.37 19.86
C LEU B 80 -18.41 -3.85 19.91
N ALA B 81 -17.21 -4.21 19.50
CA ALA B 81 -16.78 -5.61 19.47
C ALA B 81 -16.78 -6.22 20.87
N ARG B 82 -16.47 -5.41 21.87
CA ARG B 82 -16.50 -5.86 23.25
C ARG B 82 -17.93 -5.85 23.79
N ALA B 83 -18.84 -5.22 23.05
CA ALA B 83 -20.24 -5.15 23.45
C ALA B 83 -21.07 -6.23 22.76
N ILE B 84 -20.47 -6.92 21.80
CA ILE B 84 -21.15 -7.98 21.08
C ILE B 84 -20.88 -9.34 21.71
N PRO B 85 -21.92 -9.98 22.27
CA PRO B 85 -21.83 -11.24 23.01
C PRO B 85 -21.48 -12.47 22.17
N VAL B 86 -21.03 -12.26 20.94
CA VAL B 86 -20.52 -13.37 20.12
C VAL B 86 -19.09 -13.04 19.69
N PRO B 87 -18.29 -14.08 19.39
CA PRO B 87 -16.91 -13.86 18.94
C PRO B 87 -16.84 -13.04 17.65
N THR B 88 -16.06 -11.95 17.69
CA THR B 88 -15.91 -11.08 16.52
C THR B 88 -14.43 -10.86 16.17
N GLN B 89 -14.14 -10.80 14.87
CA GLN B 89 -12.79 -10.57 14.41
C GLN B 89 -12.63 -9.17 13.82
N PHE B 90 -11.39 -8.74 13.61
CA PHE B 90 -11.11 -7.39 13.14
C PHE B 90 -10.45 -7.36 11.76
N GLU B 91 -10.92 -6.45 10.92
CA GLU B 91 -10.30 -6.16 9.64
C GLU B 91 -10.39 -4.67 9.34
N PHE B 92 -9.26 -4.08 8.96
CA PHE B 92 -9.21 -2.64 8.72
C PHE B 92 -8.88 -2.31 7.27
N MET B 93 -9.43 -1.20 6.79
CA MET B 93 -9.13 -0.70 5.45
C MET B 93 -8.78 0.78 5.49
N ALA B 94 -7.76 1.15 4.73
CA ALA B 94 -7.39 2.56 4.59
C ALA B 94 -7.64 3.03 3.17
N VAL B 95 -8.40 4.12 3.02
CA VAL B 95 -8.74 4.63 1.71
C VAL B 95 -8.40 6.12 1.57
N SER B 96 -8.32 6.57 0.33
CA SER B 96 -8.06 7.98 0.05
C SER B 96 -8.89 8.44 -1.13
N SER B 97 -9.14 9.74 -1.22
CA SER B 97 -9.95 10.30 -2.28
C SER B 97 -9.15 10.57 -3.54
N TYR B 98 -9.78 10.39 -4.70
CA TYR B 98 -9.17 10.73 -5.97
C TYR B 98 -9.40 12.19 -6.31
N GLY B 99 -8.32 12.90 -6.63
CA GLY B 99 -8.41 14.30 -6.98
C GLY B 99 -7.80 15.22 -5.93
N GLY B 106 -17.80 9.05 -4.52
CA GLY B 106 -18.28 7.86 -5.21
C GLY B 106 -17.17 6.90 -5.58
N VAL B 107 -15.95 7.42 -5.66
CA VAL B 107 -14.79 6.61 -6.02
C VAL B 107 -13.59 6.94 -5.12
N VAL B 108 -13.02 5.92 -4.50
CA VAL B 108 -11.88 6.11 -3.61
C VAL B 108 -10.71 5.21 -3.98
N ARG B 109 -9.55 5.50 -3.39
CA ARG B 109 -8.34 4.74 -3.64
C ARG B 109 -7.97 3.87 -2.45
N ILE B 110 -7.71 2.59 -2.69
CA ILE B 110 -7.34 1.68 -1.62
C ILE B 110 -5.87 1.82 -1.26
N LEU B 111 -5.60 2.28 -0.04
CA LEU B 111 -4.24 2.43 0.45
C LEU B 111 -3.83 1.21 1.29
N LYS B 112 -4.83 0.49 1.78
CA LYS B 112 -4.60 -0.71 2.57
C LYS B 112 -5.80 -1.65 2.46
N ASP B 113 -5.62 -2.75 1.74
CA ASP B 113 -6.69 -3.71 1.53
C ASP B 113 -6.81 -4.66 2.71
N LEU B 114 -7.83 -5.52 2.67
CA LEU B 114 -8.06 -6.51 3.72
C LEU B 114 -6.90 -7.51 3.78
N ASP B 115 -6.73 -8.13 4.94
CA ASP B 115 -5.65 -9.11 5.13
C ASP B 115 -6.04 -10.49 4.65
N ARG B 116 -7.32 -10.83 4.77
CA ARG B 116 -7.80 -12.17 4.41
CA ARG B 116 -7.79 -12.17 4.41
C ARG B 116 -9.03 -12.12 3.52
N ASP B 117 -9.31 -13.24 2.86
CA ASP B 117 -10.46 -13.37 1.98
C ASP B 117 -11.74 -13.52 2.78
N ILE B 118 -12.74 -12.70 2.47
CA ILE B 118 -14.00 -12.70 3.20
C ILE B 118 -15.05 -13.59 2.54
N HIS B 119 -14.61 -14.50 1.70
CA HIS B 119 -15.51 -15.42 1.02
C HIS B 119 -16.20 -16.36 2.01
N GLY B 120 -17.54 -16.36 1.98
CA GLY B 120 -18.32 -17.19 2.87
C GLY B 120 -18.31 -16.70 4.29
N ARG B 121 -17.89 -15.45 4.48
CA ARG B 121 -17.80 -14.86 5.81
C ARG B 121 -18.97 -13.91 6.07
N ASP B 122 -19.43 -13.88 7.32
CA ASP B 122 -20.47 -12.95 7.73
C ASP B 122 -19.85 -11.59 8.04
N VAL B 123 -19.91 -10.68 7.08
CA VAL B 123 -19.24 -9.38 7.19
C VAL B 123 -20.18 -8.29 7.69
N LEU B 124 -19.72 -7.55 8.70
CA LEU B 124 -20.46 -6.41 9.22
C LEU B 124 -19.62 -5.15 9.13
N ILE B 125 -19.95 -4.29 8.17
CA ILE B 125 -19.25 -3.01 8.02
C ILE B 125 -19.54 -2.10 9.19
N VAL B 126 -18.48 -1.54 9.76
CA VAL B 126 -18.62 -0.64 10.91
C VAL B 126 -18.15 0.76 10.58
N GLU B 127 -19.08 1.72 10.60
CA GLU B 127 -18.77 3.10 10.31
C GLU B 127 -19.03 4.01 11.51
N ASP B 128 -18.38 5.18 11.50
CA ASP B 128 -18.58 6.16 12.57
C ASP B 128 -19.79 7.03 12.28
N VAL B 129 -19.88 7.53 11.05
CA VAL B 129 -20.99 8.38 10.64
C VAL B 129 -21.24 8.24 9.14
N VAL B 130 -22.51 8.24 8.75
CA VAL B 130 -22.87 8.18 7.34
C VAL B 130 -23.65 9.44 6.95
N ASP B 131 -23.13 10.17 5.96
CA ASP B 131 -23.76 11.40 5.50
C ASP B 131 -24.15 11.28 4.03
N SER B 132 -23.20 11.54 3.15
CA SER B 132 -23.42 11.39 1.71
C SER B 132 -23.52 9.91 1.36
N GLY B 133 -22.72 9.09 2.03
CA GLY B 133 -22.77 7.66 1.86
C GLY B 133 -22.16 7.16 0.56
N LEU B 134 -21.34 7.99 -0.07
CA LEU B 134 -20.71 7.62 -1.33
C LEU B 134 -19.62 6.58 -1.13
N THR B 135 -18.82 6.74 -0.08
CA THR B 135 -17.77 5.78 0.25
C THR B 135 -18.39 4.46 0.71
N LEU B 136 -19.46 4.57 1.51
CA LEU B 136 -20.18 3.40 1.98
C LEU B 136 -20.77 2.62 0.81
N SER B 137 -21.29 3.35 -0.17
CA SER B 137 -21.85 2.75 -1.37
C SER B 137 -20.77 2.00 -2.16
N TRP B 138 -19.60 2.63 -2.27
CA TRP B 138 -18.47 2.02 -2.96
C TRP B 138 -17.98 0.78 -2.21
N LEU B 139 -17.85 0.90 -0.89
CA LEU B 139 -17.35 -0.20 -0.07
C LEU B 139 -18.30 -1.39 -0.10
N SER B 140 -19.60 -1.11 -0.09
CA SER B 140 -20.61 -2.15 -0.12
C SER B 140 -20.50 -2.99 -1.39
N ARG B 141 -20.39 -2.31 -2.52
CA ARG B 141 -20.26 -2.99 -3.81
C ARG B 141 -18.93 -3.72 -3.92
N ASN B 142 -17.90 -3.16 -3.32
CA ASN B 142 -16.56 -3.75 -3.36
C ASN B 142 -16.48 -5.05 -2.58
N LEU B 143 -17.13 -5.09 -1.42
CA LEU B 143 -17.07 -6.26 -0.55
C LEU B 143 -17.98 -7.38 -1.04
N THR B 144 -19.11 -7.01 -1.64
CA THR B 144 -20.05 -8.01 -2.16
C THR B 144 -19.47 -8.76 -3.36
N SER B 145 -18.53 -8.12 -4.06
CA SER B 145 -17.87 -8.77 -5.18
C SER B 145 -16.85 -9.80 -4.68
N ARG B 146 -16.51 -9.73 -3.41
CA ARG B 146 -15.64 -10.72 -2.79
C ARG B 146 -16.47 -11.91 -2.31
N ASN B 147 -17.79 -11.80 -2.49
CA ASN B 147 -18.75 -12.85 -2.16
C ASN B 147 -18.71 -13.32 -0.71
N PRO B 148 -19.16 -12.47 0.23
CA PRO B 148 -19.32 -12.89 1.62
C PRO B 148 -20.62 -13.67 1.80
N ARG B 149 -20.75 -14.41 2.90
CA ARG B 149 -21.99 -15.13 3.17
C ARG B 149 -23.11 -14.14 3.44
N SER B 150 -22.79 -13.10 4.20
CA SER B 150 -23.74 -12.02 4.47
C SER B 150 -23.01 -10.69 4.57
N LEU B 151 -23.74 -9.60 4.39
CA LEU B 151 -23.15 -8.27 4.42
C LEU B 151 -24.15 -7.24 4.95
N ARG B 152 -23.87 -6.72 6.15
CA ARG B 152 -24.70 -5.69 6.74
C ARG B 152 -23.84 -4.51 7.18
N VAL B 153 -24.50 -3.38 7.45
CA VAL B 153 -23.80 -2.16 7.84
C VAL B 153 -24.26 -1.65 9.20
N CYS B 154 -23.31 -1.38 10.07
CA CYS B 154 -23.60 -0.78 11.37
C CYS B 154 -22.85 0.54 11.52
N THR B 155 -23.59 1.61 11.82
CA THR B 155 -22.99 2.92 12.03
C THR B 155 -23.42 3.50 13.37
N LEU B 156 -22.54 4.30 13.98
CA LEU B 156 -22.86 4.95 15.25
C LEU B 156 -23.74 6.17 15.02
N LEU B 157 -23.44 6.92 13.97
CA LEU B 157 -24.17 8.14 13.67
C LEU B 157 -24.71 8.14 12.24
N ARG B 158 -25.87 8.77 12.06
CA ARG B 158 -26.46 8.89 10.73
C ARG B 158 -27.03 10.29 10.53
N LYS B 159 -26.64 10.92 9.43
CA LYS B 159 -27.09 12.26 9.10
C LYS B 159 -28.29 12.22 8.14
N PRO B 160 -29.11 13.28 8.12
CA PRO B 160 -30.37 13.31 7.35
C PRO B 160 -30.25 13.01 5.86
N ASP B 161 -29.06 13.17 5.28
CA ASP B 161 -28.89 12.94 3.84
C ASP B 161 -28.41 11.53 3.52
N ALA B 162 -28.58 10.62 4.47
CA ALA B 162 -28.24 9.23 4.26
C ALA B 162 -29.34 8.51 3.48
N VAL B 163 -30.54 9.07 3.52
CA VAL B 163 -31.66 8.53 2.76
C VAL B 163 -31.40 8.64 1.27
N HIS B 164 -30.71 9.69 0.87
CA HIS B 164 -30.37 9.92 -0.54
C HIS B 164 -29.43 8.84 -1.05
N ALA B 165 -28.68 8.24 -0.15
CA ALA B 165 -27.79 7.13 -0.50
C ALA B 165 -28.54 5.81 -0.43
N ASN B 166 -28.48 5.05 -1.51
CA ASN B 166 -29.20 3.78 -1.58
C ASN B 166 -28.40 2.64 -0.97
N VAL B 167 -28.18 2.71 0.33
CA VAL B 167 -27.49 1.65 1.06
C VAL B 167 -28.27 1.29 2.33
N GLU B 168 -28.67 0.03 2.42
CA GLU B 168 -29.45 -0.44 3.57
C GLU B 168 -28.57 -0.56 4.81
N ILE B 169 -28.94 0.14 5.87
CA ILE B 169 -28.20 0.10 7.12
C ILE B 169 -29.01 -0.61 8.20
N ALA B 170 -28.49 -1.74 8.67
CA ALA B 170 -29.23 -2.59 9.60
C ALA B 170 -29.16 -2.09 11.05
N TYR B 171 -28.06 -1.41 11.39
CA TYR B 171 -27.86 -0.97 12.76
C TYR B 171 -27.39 0.48 12.83
N VAL B 172 -28.22 1.34 13.42
CA VAL B 172 -27.88 2.74 13.58
C VAL B 172 -27.88 3.15 15.05
N GLY B 173 -26.78 3.75 15.50
CA GLY B 173 -26.66 4.18 16.88
C GLY B 173 -27.52 5.39 17.18
N PHE B 174 -27.24 6.50 16.49
CA PHE B 174 -28.00 7.73 16.70
C PHE B 174 -28.24 8.47 15.39
N ASP B 175 -29.46 8.96 15.20
CA ASP B 175 -29.77 9.87 14.11
C ASP B 175 -29.54 11.30 14.56
N ILE B 176 -28.59 11.97 13.92
CA ILE B 176 -28.20 13.32 14.32
C ILE B 176 -28.40 14.31 13.19
N PRO B 177 -28.53 15.61 13.51
CA PRO B 177 -28.66 16.63 12.47
C PRO B 177 -27.40 16.75 11.61
N ASN B 178 -27.46 17.59 10.58
CA ASN B 178 -26.37 17.70 9.61
C ASN B 178 -25.20 18.54 10.11
N ASP B 179 -25.35 19.10 11.31
CA ASP B 179 -24.30 19.91 11.91
C ASP B 179 -23.01 19.11 12.10
N PHE B 180 -21.88 19.76 11.83
CA PHE B 180 -20.58 19.11 11.94
C PHE B 180 -20.23 18.82 13.40
N VAL B 181 -19.99 17.55 13.70
CA VAL B 181 -19.67 17.14 15.06
C VAL B 181 -18.29 16.51 15.15
N VAL B 182 -17.70 16.56 16.35
CA VAL B 182 -16.40 15.94 16.59
C VAL B 182 -16.44 15.11 17.87
N GLY B 183 -15.44 14.26 18.04
CA GLY B 183 -15.35 13.42 19.22
C GLY B 183 -15.60 11.95 18.92
N TYR B 184 -15.05 11.09 19.78
CA TYR B 184 -15.21 9.64 19.65
C TYR B 184 -14.76 9.14 18.28
N GLY B 185 -13.57 9.58 17.87
CA GLY B 185 -13.02 9.17 16.59
C GLY B 185 -13.22 10.21 15.50
N LEU B 186 -14.32 10.95 15.59
CA LEU B 186 -14.61 12.00 14.62
C LEU B 186 -13.65 13.16 14.79
N ASP B 187 -13.26 13.77 13.66
CA ASP B 187 -12.20 14.77 13.70
C ASP B 187 -12.47 16.01 12.85
N TYR B 188 -11.73 17.07 13.17
CA TYR B 188 -11.59 18.22 12.29
C TYR B 188 -10.10 18.52 12.15
N ASP B 189 -9.55 18.17 10.99
CA ASP B 189 -8.11 18.25 10.75
C ASP B 189 -7.35 17.41 11.78
N GLU B 190 -7.76 16.14 11.89
CA GLU B 190 -7.10 15.15 12.73
C GLU B 190 -7.04 15.51 14.21
N ARG B 191 -8.02 16.26 14.69
CA ARG B 191 -8.09 16.61 16.11
C ARG B 191 -9.42 16.19 16.71
N TYR B 192 -9.53 16.32 18.04
CA TYR B 192 -10.75 16.01 18.78
C TYR B 192 -11.17 14.54 18.72
N ARG B 193 -10.33 13.68 18.15
CA ARG B 193 -10.65 12.26 18.05
C ARG B 193 -10.68 11.58 19.41
N ASP B 194 -9.84 12.07 20.32
CA ASP B 194 -9.65 11.42 21.62
C ASP B 194 -10.75 11.72 22.62
N LEU B 195 -11.73 12.55 22.23
CA LEU B 195 -12.85 12.88 23.09
C LEU B 195 -13.73 11.66 23.33
N SER B 196 -14.06 11.40 24.59
CA SER B 196 -14.90 10.27 24.94
C SER B 196 -16.35 10.53 24.54
N TYR B 197 -16.68 11.81 24.40
CA TYR B 197 -18.04 12.22 24.03
C TYR B 197 -18.07 12.79 22.61
N ILE B 198 -19.27 13.02 22.10
CA ILE B 198 -19.44 13.64 20.80
C ILE B 198 -20.07 15.02 20.94
N GLY B 199 -19.27 16.06 20.72
CA GLY B 199 -19.75 17.42 20.88
C GLY B 199 -19.83 18.18 19.57
N THR B 200 -20.37 19.39 19.64
CA THR B 200 -20.50 20.25 18.47
C THR B 200 -19.38 21.29 18.45
N LEU B 201 -18.65 21.34 17.34
CA LEU B 201 -17.56 22.30 17.20
C LEU B 201 -18.05 23.73 17.07
N ASP B 202 -17.32 24.66 17.67
CA ASP B 202 -17.60 26.08 17.51
C ASP B 202 -17.15 26.51 16.11
N PRO B 203 -18.09 27.09 15.32
CA PRO B 203 -17.84 27.53 13.95
C PRO B 203 -16.63 28.45 13.80
N ARG B 204 -16.20 29.07 14.90
CA ARG B 204 -15.01 29.90 14.89
C ARG B 204 -13.77 29.07 14.54
N VAL B 205 -13.75 27.82 15.00
CA VAL B 205 -12.67 26.90 14.70
C VAL B 205 -12.74 26.45 13.24
N TYR B 206 -13.95 26.08 12.80
CA TYR B 206 -14.16 25.63 11.43
C TYR B 206 -14.43 26.82 10.50
N GLU C 22 25.51 -15.85 -23.12
CA GLU C 22 24.30 -16.39 -22.55
C GLU C 22 24.17 -16.06 -21.06
N LEU C 23 23.04 -15.51 -20.68
CA LEU C 23 22.80 -15.15 -19.28
C LEU C 23 22.63 -16.39 -18.42
N TYR C 24 21.90 -17.37 -18.93
CA TYR C 24 21.66 -18.61 -18.22
C TYR C 24 22.01 -19.81 -19.11
N PRO C 25 23.26 -20.28 -19.01
CA PRO C 25 23.86 -21.33 -19.85
C PRO C 25 23.00 -22.59 -19.99
N GLY C 26 22.70 -23.25 -18.88
CA GLY C 26 21.99 -24.52 -18.93
C GLY C 26 20.67 -24.51 -18.17
N ASP C 27 19.82 -23.53 -18.45
CA ASP C 27 18.52 -23.45 -17.80
C ASP C 27 17.39 -23.41 -18.83
N ILE C 28 17.65 -22.74 -19.95
CA ILE C 28 16.67 -22.63 -21.02
C ILE C 28 16.74 -23.84 -21.95
N LYS C 29 15.68 -24.64 -21.94
CA LYS C 29 15.63 -25.85 -22.76
C LYS C 29 15.59 -25.52 -24.25
N SER C 30 14.73 -24.58 -24.63
CA SER C 30 14.60 -24.16 -26.02
C SER C 30 14.01 -22.76 -26.12
N VAL C 31 14.26 -22.09 -27.24
CA VAL C 31 13.74 -20.74 -27.46
C VAL C 31 12.40 -20.79 -28.16
N LEU C 32 11.34 -20.48 -27.40
CA LEU C 32 9.98 -20.46 -27.95
C LEU C 32 9.80 -19.29 -28.90
N LEU C 33 10.09 -18.09 -28.40
CA LEU C 33 9.98 -16.88 -29.21
C LEU C 33 11.25 -16.04 -29.13
N THR C 34 11.87 -15.79 -30.27
CA THR C 34 13.06 -14.98 -30.33
C THR C 34 12.73 -13.50 -30.16
N ALA C 35 13.73 -12.68 -29.90
CA ALA C 35 13.52 -11.25 -29.72
C ALA C 35 13.04 -10.58 -31.01
N GLU C 36 13.41 -11.17 -32.14
CA GLU C 36 13.04 -10.63 -33.45
C GLU C 36 11.54 -10.76 -33.71
N GLN C 37 11.01 -11.95 -33.45
CA GLN C 37 9.60 -12.22 -33.71
C GLN C 37 8.69 -11.62 -32.64
N ILE C 38 9.27 -11.29 -31.49
CA ILE C 38 8.52 -10.64 -30.43
C ILE C 38 8.26 -9.18 -30.76
N GLN C 39 9.33 -8.46 -31.12
CA GLN C 39 9.24 -7.04 -31.46
C GLN C 39 8.45 -6.82 -32.74
N ALA C 40 8.47 -7.82 -33.63
CA ALA C 40 7.75 -7.75 -34.88
C ALA C 40 6.24 -7.81 -34.65
N ARG C 41 5.83 -8.61 -33.67
CA ARG C 41 4.42 -8.75 -33.33
C ARG C 41 3.90 -7.53 -32.59
N ILE C 42 4.75 -6.99 -31.71
CA ILE C 42 4.39 -5.80 -30.94
C ILE C 42 4.19 -4.60 -31.86
N ALA C 43 5.03 -4.51 -32.89
CA ALA C 43 4.88 -3.47 -33.90
C ALA C 43 3.55 -3.61 -34.62
N GLU C 44 3.15 -4.85 -34.89
CA GLU C 44 1.87 -5.13 -35.52
C GLU C 44 0.71 -4.78 -34.58
N LEU C 45 0.87 -5.15 -33.31
CA LEU C 45 -0.14 -4.87 -32.30
C LEU C 45 -0.31 -3.36 -32.11
N GLY C 46 0.82 -2.66 -32.02
CA GLY C 46 0.82 -1.22 -31.83
C GLY C 46 0.03 -0.47 -32.89
N GLU C 47 0.26 -0.82 -34.15
CA GLU C 47 -0.45 -0.19 -35.26
C GLU C 47 -1.93 -0.54 -35.22
N GLN C 48 -2.24 -1.77 -34.81
CA GLN C 48 -3.62 -2.22 -34.72
C GLN C 48 -4.37 -1.49 -33.61
N ILE C 49 -3.71 -1.33 -32.47
CA ILE C 49 -4.28 -0.60 -31.34
C ILE C 49 -4.44 0.87 -31.69
N GLY C 50 -3.43 1.43 -32.35
CA GLY C 50 -3.44 2.83 -32.72
C GLY C 50 -4.57 3.21 -33.67
N ASN C 51 -4.74 2.41 -34.72
CA ASN C 51 -5.78 2.66 -35.71
C ASN C 51 -7.18 2.50 -35.13
N ASP C 52 -7.29 1.71 -34.05
CA ASP C 52 -8.56 1.51 -33.38
C ASP C 52 -8.90 2.67 -32.45
N TYR C 53 -7.89 3.13 -31.71
CA TYR C 53 -8.09 4.17 -30.71
C TYR C 53 -7.83 5.57 -31.24
N ARG C 54 -7.52 5.68 -32.53
CA ARG C 54 -7.29 6.97 -33.14
C ARG C 54 -8.60 7.76 -33.24
N GLU C 55 -9.70 7.03 -33.31
CA GLU C 55 -11.03 7.64 -33.39
C GLU C 55 -11.45 8.20 -32.03
N THR C 59 -11.20 12.89 -30.28
CA THR C 59 -12.58 13.33 -30.07
C THR C 59 -12.87 13.58 -28.59
N THR C 60 -12.22 12.79 -27.73
CA THR C 60 -12.40 12.92 -26.29
C THR C 60 -11.36 13.85 -25.70
N GLY C 61 -10.20 13.93 -26.34
CA GLY C 61 -9.14 14.80 -25.89
C GLY C 61 -8.21 14.14 -24.87
N GLN C 62 -8.61 12.95 -24.41
CA GLN C 62 -7.81 12.23 -23.43
C GLN C 62 -7.09 11.04 -24.06
N ASP C 63 -5.84 10.84 -23.66
CA ASP C 63 -5.00 9.80 -24.26
C ASP C 63 -5.44 8.40 -23.85
N LEU C 64 -4.95 7.40 -24.58
CA LEU C 64 -5.20 6.01 -24.24
C LEU C 64 -4.48 5.65 -22.94
N LEU C 65 -5.20 4.97 -22.04
CA LEU C 65 -4.64 4.65 -20.74
C LEU C 65 -4.27 3.18 -20.63
N LEU C 66 -2.98 2.92 -20.47
CA LEU C 66 -2.48 1.56 -20.32
C LEU C 66 -2.37 1.19 -18.85
N ILE C 67 -3.01 0.09 -18.46
CA ILE C 67 -2.95 -0.39 -17.09
C ILE C 67 -2.24 -1.74 -17.02
N THR C 68 -1.14 -1.79 -16.27
CA THR C 68 -0.31 -2.97 -16.20
C THR C 68 -0.14 -3.47 -14.76
N VAL C 69 -0.22 -4.78 -14.58
CA VAL C 69 0.00 -5.39 -13.28
C VAL C 69 1.44 -5.86 -13.13
N LEU C 70 2.10 -5.40 -12.06
CA LEU C 70 3.49 -5.77 -11.77
C LEU C 70 3.62 -7.27 -11.53
N LYS C 71 4.76 -7.87 -11.89
CA LYS C 71 5.88 -7.14 -12.51
C LYS C 71 6.13 -7.61 -13.93
N GLY C 72 5.61 -8.78 -14.28
CA GLY C 72 5.90 -9.43 -15.54
C GLY C 72 5.69 -8.60 -16.80
N ALA C 73 4.55 -7.92 -16.87
CA ALA C 73 4.18 -7.20 -18.09
C ALA C 73 4.77 -5.79 -18.13
N VAL C 74 5.83 -5.55 -17.36
CA VAL C 74 6.44 -4.22 -17.33
C VAL C 74 7.38 -4.01 -18.52
N LEU C 75 7.88 -5.11 -19.08
CA LEU C 75 8.73 -5.03 -20.27
C LEU C 75 7.88 -4.88 -21.52
N PHE C 76 6.73 -5.56 -21.52
CA PHE C 76 5.84 -5.56 -22.66
C PHE C 76 5.14 -4.21 -22.84
N VAL C 77 4.77 -3.58 -21.73
CA VAL C 77 4.03 -2.32 -21.77
C VAL C 77 4.92 -1.17 -22.27
N THR C 78 6.21 -1.23 -21.95
CA THR C 78 7.15 -0.19 -22.37
C THR C 78 7.40 -0.25 -23.88
N ASP C 79 7.51 -1.48 -24.40
CA ASP C 79 7.73 -1.67 -25.82
C ASP C 79 6.44 -1.42 -26.61
N LEU C 80 5.31 -1.82 -26.05
CA LEU C 80 4.02 -1.66 -26.71
C LEU C 80 3.66 -0.18 -26.83
N ALA C 81 3.86 0.57 -25.76
CA ALA C 81 3.53 2.00 -25.74
C ALA C 81 4.36 2.77 -26.75
N ARG C 82 5.58 2.32 -26.98
CA ARG C 82 6.47 2.96 -27.96
C ARG C 82 6.21 2.40 -29.36
N ALA C 83 5.32 1.42 -29.44
CA ALA C 83 4.94 0.83 -30.72
C ALA C 83 3.55 1.33 -31.15
N ILE C 84 2.85 1.97 -30.23
CA ILE C 84 1.53 2.53 -30.52
C ILE C 84 1.66 3.99 -30.98
N PRO C 85 1.19 4.28 -32.21
CA PRO C 85 1.34 5.58 -32.85
C PRO C 85 0.58 6.71 -32.16
N VAL C 86 -0.44 6.39 -31.36
CA VAL C 86 -1.20 7.41 -30.65
C VAL C 86 -0.66 7.57 -29.22
N PRO C 87 -0.80 8.77 -28.65
CA PRO C 87 -0.33 9.04 -27.28
C PRO C 87 -0.94 8.12 -26.24
N THR C 88 -0.09 7.53 -25.40
CA THR C 88 -0.54 6.62 -24.35
C THR C 88 0.04 7.01 -22.99
N GLN C 89 -0.72 6.73 -21.93
CA GLN C 89 -0.26 7.01 -20.58
C GLN C 89 0.02 5.71 -19.82
N PHE C 90 0.57 5.84 -18.61
CA PHE C 90 0.93 4.67 -17.82
C PHE C 90 0.25 4.64 -16.45
N GLU C 91 -0.29 3.48 -16.11
CA GLU C 91 -0.84 3.22 -14.79
C GLU C 91 -0.47 1.81 -14.35
N PHE C 92 -0.07 1.66 -13.09
CA PHE C 92 0.40 0.37 -12.60
C PHE C 92 -0.32 -0.08 -11.34
N MET C 93 -0.66 -1.36 -11.30
CA MET C 93 -1.25 -1.98 -10.12
C MET C 93 -0.37 -3.13 -9.64
N ALA C 94 -0.22 -3.24 -8.33
CA ALA C 94 0.47 -4.39 -7.74
C ALA C 94 -0.50 -5.19 -6.89
N VAL C 95 -0.58 -6.48 -7.16
CA VAL C 95 -1.51 -7.34 -6.44
C VAL C 95 -0.82 -8.55 -5.84
N SER C 96 -1.42 -9.10 -4.79
CA SER C 96 -0.94 -10.33 -4.18
C SER C 96 -2.08 -11.33 -4.10
N SER C 97 -1.85 -12.45 -3.42
CA SER C 97 -2.85 -13.50 -3.33
C SER C 97 -3.28 -13.78 -1.89
N TYR C 98 -4.58 -14.00 -1.70
CA TYR C 98 -5.11 -14.44 -0.42
C TYR C 98 -4.99 -15.95 -0.32
N GLY C 99 -5.66 -16.63 -1.24
CA GLY C 99 -5.63 -18.08 -1.32
C GLY C 99 -6.05 -18.53 -2.70
N SER C 100 -7.03 -17.81 -3.27
CA SER C 100 -7.53 -18.05 -4.61
C SER C 100 -7.99 -19.49 -4.81
N GLY C 106 -11.30 -15.40 -8.76
CA GLY C 106 -10.12 -14.57 -8.77
C GLY C 106 -9.94 -13.78 -7.49
N VAL C 107 -9.62 -14.50 -6.42
CA VAL C 107 -9.42 -13.87 -5.11
C VAL C 107 -8.04 -13.25 -5.05
N VAL C 108 -8.01 -11.97 -4.71
CA VAL C 108 -6.81 -11.18 -4.90
C VAL C 108 -6.76 -9.98 -3.95
N ARG C 109 -5.54 -9.61 -3.57
CA ARG C 109 -5.33 -8.47 -2.68
C ARG C 109 -4.67 -7.33 -3.44
N ILE C 110 -5.03 -6.10 -3.09
CA ILE C 110 -4.44 -4.94 -3.71
C ILE C 110 -3.33 -4.37 -2.84
N LEU C 111 -2.10 -4.42 -3.35
CA LEU C 111 -0.95 -3.84 -2.65
C LEU C 111 -0.69 -2.43 -3.13
N LYS C 112 -1.00 -2.17 -4.39
CA LYS C 112 -0.82 -0.86 -4.99
C LYS C 112 -1.97 -0.57 -5.95
N ASP C 113 -2.88 0.30 -5.52
CA ASP C 113 -4.03 0.67 -6.33
C ASP C 113 -3.62 1.72 -7.37
N LEU C 114 -4.48 1.94 -8.35
CA LEU C 114 -4.27 3.01 -9.32
C LEU C 114 -4.21 4.35 -8.60
N ASP C 115 -3.25 5.19 -8.97
CA ASP C 115 -3.13 6.50 -8.33
C ASP C 115 -3.86 7.56 -9.13
N ARG C 116 -4.74 7.13 -10.03
CA ARG C 116 -5.59 8.03 -10.80
C ARG C 116 -6.98 7.45 -11.02
N ASP C 117 -7.98 8.32 -11.10
CA ASP C 117 -9.34 7.89 -11.35
C ASP C 117 -9.57 7.67 -12.85
N ILE C 118 -9.91 6.45 -13.23
CA ILE C 118 -10.05 6.11 -14.64
C ILE C 118 -11.47 6.33 -15.16
N HIS C 119 -12.23 7.15 -14.45
CA HIS C 119 -13.61 7.44 -14.82
C HIS C 119 -13.69 8.13 -16.18
N GLY C 120 -14.44 7.52 -17.11
CA GLY C 120 -14.62 8.09 -18.43
C GLY C 120 -13.34 8.11 -19.24
N ARG C 121 -12.47 7.14 -18.98
CA ARG C 121 -11.20 7.03 -19.68
C ARG C 121 -11.21 5.83 -20.62
N ASP C 122 -10.38 5.86 -21.65
CA ASP C 122 -10.21 4.73 -22.54
C ASP C 122 -9.09 3.84 -22.01
N VAL C 123 -9.46 2.79 -21.30
CA VAL C 123 -8.50 1.94 -20.62
C VAL C 123 -8.18 0.66 -21.38
N LEU C 124 -6.89 0.36 -21.53
CA LEU C 124 -6.45 -0.89 -22.14
C LEU C 124 -5.58 -1.69 -21.17
N ILE C 125 -6.10 -2.81 -20.69
CA ILE C 125 -5.37 -3.67 -19.79
C ILE C 125 -4.22 -4.37 -20.52
N VAL C 126 -3.00 -4.16 -20.03
CA VAL C 126 -1.82 -4.75 -20.65
C VAL C 126 -1.29 -5.92 -19.82
N GLU C 127 -1.43 -7.13 -20.36
CA GLU C 127 -1.00 -8.33 -19.66
C GLU C 127 0.17 -9.01 -20.38
N ASP C 128 0.91 -9.82 -19.64
CA ASP C 128 2.04 -10.56 -20.19
C ASP C 128 1.62 -11.96 -20.65
N VAL C 129 0.80 -12.61 -19.83
CA VAL C 129 0.31 -13.95 -20.15
C VAL C 129 -1.03 -14.20 -19.45
N VAL C 130 -1.94 -14.86 -20.16
CA VAL C 130 -3.23 -15.23 -19.59
C VAL C 130 -3.38 -16.75 -19.64
N ASP C 131 -3.54 -17.37 -18.47
CA ASP C 131 -3.70 -18.82 -18.38
C ASP C 131 -5.07 -19.18 -17.85
N SER C 132 -5.20 -19.21 -16.53
CA SER C 132 -6.49 -19.49 -15.89
C SER C 132 -7.44 -18.31 -16.09
N GLY C 133 -6.88 -17.11 -16.14
CA GLY C 133 -7.65 -15.91 -16.39
C GLY C 133 -8.50 -15.46 -15.21
N LEU C 134 -8.23 -16.03 -14.05
CA LEU C 134 -8.97 -15.68 -12.82
C LEU C 134 -8.60 -14.29 -12.33
N THR C 135 -7.33 -13.93 -12.44
CA THR C 135 -6.87 -12.61 -12.07
C THR C 135 -7.41 -11.56 -13.05
N LEU C 136 -7.39 -11.91 -14.33
CA LEU C 136 -7.90 -11.03 -15.37
C LEU C 136 -9.40 -10.79 -15.18
N SER C 137 -10.11 -11.84 -14.77
CA SER C 137 -11.53 -11.74 -14.53
C SER C 137 -11.83 -10.75 -13.40
N TRP C 138 -11.00 -10.79 -12.36
CA TRP C 138 -11.17 -9.86 -11.26
C TRP C 138 -10.82 -8.44 -11.67
N LEU C 139 -9.72 -8.29 -12.41
CA LEU C 139 -9.26 -6.98 -12.84
C LEU C 139 -10.30 -6.33 -13.74
N SER C 140 -10.98 -7.15 -14.54
CA SER C 140 -12.07 -6.66 -15.39
C SER C 140 -13.20 -6.08 -14.54
N ARG C 141 -13.73 -6.90 -13.63
CA ARG C 141 -14.84 -6.51 -12.78
C ARG C 141 -14.49 -5.31 -11.89
N ASN C 142 -13.24 -5.27 -11.43
CA ASN C 142 -12.78 -4.19 -10.57
C ASN C 142 -12.69 -2.85 -11.31
N LEU C 143 -12.12 -2.89 -12.51
CA LEU C 143 -11.94 -1.68 -13.30
C LEU C 143 -13.26 -1.17 -13.89
N THR C 144 -14.13 -2.09 -14.28
CA THR C 144 -15.42 -1.70 -14.86
C THR C 144 -16.31 -1.00 -13.83
N SER C 145 -16.09 -1.30 -12.56
CA SER C 145 -16.84 -0.65 -11.49
C SER C 145 -16.37 0.78 -11.28
N ARG C 146 -15.19 1.09 -11.81
CA ARG C 146 -14.66 2.45 -11.79
C ARG C 146 -15.25 3.25 -12.95
N ASN C 147 -16.08 2.57 -13.74
CA ASN C 147 -16.76 3.17 -14.89
C ASN C 147 -15.86 3.87 -15.89
N PRO C 148 -15.01 3.10 -16.60
CA PRO C 148 -14.20 3.70 -17.66
C PRO C 148 -15.04 3.92 -18.91
N ARG C 149 -14.57 4.76 -19.83
CA ARG C 149 -15.27 4.98 -21.08
C ARG C 149 -15.27 3.70 -21.90
N SER C 150 -14.10 3.10 -22.05
CA SER C 150 -13.94 1.84 -22.75
C SER C 150 -12.89 0.96 -22.06
N LEU C 151 -13.15 -0.34 -22.02
CA LEU C 151 -12.25 -1.27 -21.34
C LEU C 151 -11.92 -2.46 -22.24
N ARG C 152 -10.65 -2.59 -22.61
CA ARG C 152 -10.20 -3.71 -23.41
C ARG C 152 -8.92 -4.33 -22.82
N VAL C 153 -8.57 -5.51 -23.29
CA VAL C 153 -7.43 -6.24 -22.77
C VAL C 153 -6.43 -6.60 -23.87
N CYS C 154 -5.15 -6.38 -23.60
CA CYS C 154 -4.09 -6.76 -24.52
C CYS C 154 -3.06 -7.64 -23.82
N THR C 155 -2.87 -8.86 -24.32
CA THR C 155 -1.89 -9.77 -23.74
C THR C 155 -0.88 -10.22 -24.79
N LEU C 156 0.38 -10.37 -24.38
CA LEU C 156 1.43 -10.82 -25.27
C LEU C 156 1.30 -12.31 -25.56
N LEU C 157 1.00 -13.08 -24.52
CA LEU C 157 0.87 -14.53 -24.63
C LEU C 157 -0.47 -15.01 -24.11
N ARG C 158 -0.98 -16.08 -24.70
CA ARG C 158 -2.21 -16.70 -24.25
C ARG C 158 -2.11 -18.22 -24.27
N LYS C 159 -2.44 -18.85 -23.15
CA LYS C 159 -2.37 -20.29 -23.02
C LYS C 159 -3.72 -20.94 -23.36
N PRO C 160 -3.69 -22.21 -23.82
CA PRO C 160 -4.87 -22.94 -24.31
C PRO C 160 -6.11 -22.84 -23.42
N ASP C 161 -5.93 -22.71 -22.11
CA ASP C 161 -7.07 -22.62 -21.20
C ASP C 161 -7.56 -21.19 -21.03
N ALA C 162 -7.20 -20.33 -21.99
CA ALA C 162 -7.61 -18.94 -21.96
C ALA C 162 -8.11 -18.48 -23.34
N VAL C 163 -8.02 -19.38 -24.31
CA VAL C 163 -8.44 -19.09 -25.68
C VAL C 163 -9.94 -18.82 -25.73
N HIS C 164 -10.69 -19.57 -24.93
CA HIS C 164 -12.14 -19.42 -24.88
C HIS C 164 -12.59 -19.01 -23.48
N ALA C 165 -11.95 -17.96 -22.97
CA ALA C 165 -12.25 -17.45 -21.64
C ALA C 165 -13.47 -16.51 -21.67
N ASN C 166 -14.02 -16.18 -20.50
CA ASN C 166 -15.23 -15.35 -20.43
C ASN C 166 -14.96 -13.87 -20.60
N VAL C 167 -13.75 -13.47 -20.23
CA VAL C 167 -13.26 -12.13 -20.49
C VAL C 167 -12.70 -12.08 -21.90
N GLU C 168 -13.20 -11.15 -22.70
CA GLU C 168 -12.76 -11.00 -24.08
C GLU C 168 -11.42 -10.27 -24.17
N ILE C 169 -10.55 -10.75 -25.04
CA ILE C 169 -9.26 -10.12 -25.28
C ILE C 169 -9.12 -9.78 -26.76
N ALA C 170 -9.15 -8.47 -27.06
CA ALA C 170 -9.14 -8.01 -28.45
C ALA C 170 -7.74 -8.02 -29.06
N TYR C 171 -6.71 -8.14 -28.21
CA TYR C 171 -5.34 -8.08 -28.70
C TYR C 171 -4.48 -9.19 -28.10
N VAL C 172 -4.22 -10.21 -28.91
CA VAL C 172 -3.39 -11.34 -28.49
C VAL C 172 -2.13 -11.44 -29.35
N GLY C 173 -0.97 -11.31 -28.71
CA GLY C 173 0.28 -11.39 -29.42
C GLY C 173 0.57 -12.78 -29.95
N PHE C 174 0.57 -13.76 -29.05
CA PHE C 174 0.86 -15.14 -29.42
C PHE C 174 -0.01 -16.14 -28.67
N ASP C 175 -0.32 -17.26 -29.33
CA ASP C 175 -0.96 -18.39 -28.67
C ASP C 175 0.06 -19.50 -28.48
N ILE C 176 0.55 -19.64 -27.25
CA ILE C 176 1.60 -20.60 -26.94
C ILE C 176 1.03 -21.83 -26.23
N PRO C 177 1.77 -22.95 -26.27
CA PRO C 177 1.32 -24.15 -25.54
C PRO C 177 1.30 -23.97 -24.02
N ASN C 178 0.93 -25.02 -23.31
CA ASN C 178 0.76 -24.96 -21.86
C ASN C 178 2.09 -25.02 -21.11
N ASP C 179 3.18 -25.21 -21.84
CA ASP C 179 4.50 -25.31 -21.24
C ASP C 179 4.90 -24.05 -20.49
N PHE C 180 5.50 -24.22 -19.31
CA PHE C 180 5.94 -23.09 -18.50
C PHE C 180 7.12 -22.38 -19.17
N VAL C 181 6.92 -21.10 -19.47
CA VAL C 181 7.94 -20.32 -20.16
C VAL C 181 8.44 -19.16 -19.31
N VAL C 182 9.65 -18.70 -19.60
CA VAL C 182 10.23 -17.55 -18.92
C VAL C 182 10.84 -16.61 -19.94
N GLY C 183 11.16 -15.39 -19.50
CA GLY C 183 11.78 -14.41 -20.38
C GLY C 183 10.85 -13.28 -20.75
N TYR C 184 11.43 -12.12 -21.06
CA TYR C 184 10.69 -10.92 -21.43
C TYR C 184 9.67 -10.56 -20.36
N GLY C 185 10.14 -10.44 -19.12
CA GLY C 185 9.27 -10.10 -18.01
C GLY C 185 8.79 -11.32 -17.24
N LEU C 186 8.50 -12.40 -17.97
CA LEU C 186 8.07 -13.64 -17.34
C LEU C 186 9.20 -14.22 -16.49
N ASP C 187 8.83 -14.91 -15.42
CA ASP C 187 9.82 -15.34 -14.44
C ASP C 187 9.54 -16.68 -13.79
N TYR C 188 10.57 -17.19 -13.12
CA TYR C 188 10.41 -18.25 -12.13
C TYR C 188 11.29 -17.91 -10.93
N ASP C 189 10.65 -17.66 -9.79
CA ASP C 189 11.34 -17.20 -8.59
C ASP C 189 12.13 -15.93 -8.87
N GLU C 190 11.45 -14.98 -9.52
CA GLU C 190 11.98 -13.64 -9.78
C GLU C 190 13.25 -13.62 -10.65
N ARG C 191 13.41 -14.63 -11.49
CA ARG C 191 14.56 -14.69 -12.39
C ARG C 191 14.14 -14.74 -13.85
N TYR C 192 15.13 -14.66 -14.74
CA TYR C 192 14.92 -14.77 -16.20
C TYR C 192 14.05 -13.66 -16.79
N ARG C 193 13.73 -12.63 -16.00
CA ARG C 193 12.91 -11.53 -16.48
C ARG C 193 13.63 -10.69 -17.53
N ASP C 194 14.95 -10.58 -17.39
CA ASP C 194 15.74 -9.69 -18.23
C ASP C 194 16.06 -10.27 -19.60
N LEU C 195 15.60 -11.50 -19.85
CA LEU C 195 15.81 -12.14 -21.15
C LEU C 195 15.04 -11.41 -22.24
N SER C 196 15.70 -11.16 -23.36
CA SER C 196 15.07 -10.45 -24.48
C SER C 196 14.18 -11.39 -25.28
N TYR C 197 14.27 -12.68 -24.98
CA TYR C 197 13.46 -13.68 -25.68
C TYR C 197 12.65 -14.51 -24.69
N ILE C 198 11.73 -15.32 -25.20
CA ILE C 198 10.92 -16.20 -24.36
C ILE C 198 11.29 -17.66 -24.61
N GLY C 199 11.80 -18.32 -23.59
CA GLY C 199 12.22 -19.70 -23.70
C GLY C 199 11.56 -20.62 -22.69
N THR C 200 11.58 -21.92 -22.99
CA THR C 200 10.99 -22.91 -22.10
C THR C 200 11.98 -23.35 -21.03
N LEU C 201 11.58 -23.24 -19.76
CA LEU C 201 12.44 -23.62 -18.65
C LEU C 201 12.59 -25.14 -18.55
N ASP C 202 13.80 -25.58 -18.25
CA ASP C 202 14.07 -27.00 -18.04
C ASP C 202 13.44 -27.43 -16.71
N PRO C 203 12.79 -28.60 -16.71
CA PRO C 203 12.15 -29.17 -15.51
C PRO C 203 13.09 -29.29 -14.31
N ARG C 204 14.40 -29.23 -14.57
CA ARG C 204 15.40 -29.23 -13.51
C ARG C 204 15.21 -28.05 -12.56
N VAL C 205 14.78 -26.91 -13.11
CA VAL C 205 14.68 -25.68 -12.36
C VAL C 205 13.45 -25.64 -11.45
N TYR C 206 12.28 -25.88 -12.02
CA TYR C 206 11.04 -25.77 -11.27
C TYR C 206 10.56 -27.12 -10.73
N GLN C 207 11.50 -27.95 -10.30
CA GLN C 207 11.16 -29.24 -9.71
C GLN C 207 10.87 -29.11 -8.22
N GLU D 22 3.33 13.34 -36.20
CA GLU D 22 3.91 13.29 -34.85
C GLU D 22 2.88 12.85 -33.82
N LEU D 23 3.32 12.72 -32.57
CA LEU D 23 2.43 12.32 -31.50
C LEU D 23 1.94 13.53 -30.70
N TYR D 24 2.85 14.48 -30.47
CA TYR D 24 2.50 15.70 -29.75
C TYR D 24 2.97 16.95 -30.50
N PRO D 25 2.25 17.31 -31.58
CA PRO D 25 2.63 18.50 -32.36
C PRO D 25 2.32 19.79 -31.62
N GLY D 26 3.27 20.72 -31.62
CA GLY D 26 3.10 21.99 -30.95
C GLY D 26 3.48 21.92 -29.48
N ASP D 27 3.92 20.76 -29.04
CA ASP D 27 4.32 20.56 -27.65
C ASP D 27 5.83 20.46 -27.51
N ILE D 28 6.42 19.52 -28.25
CA ILE D 28 7.87 19.32 -28.21
C ILE D 28 8.57 20.37 -29.07
N LYS D 29 9.33 21.24 -28.43
CA LYS D 29 10.00 22.34 -29.12
C LYS D 29 11.29 21.86 -29.78
N SER D 30 12.15 21.23 -29.00
CA SER D 30 13.43 20.73 -29.51
C SER D 30 13.80 19.40 -28.87
N VAL D 31 14.47 18.55 -29.64
CA VAL D 31 14.90 17.26 -29.13
C VAL D 31 16.26 17.36 -28.45
N LEU D 32 16.26 17.27 -27.12
CA LEU D 32 17.49 17.34 -26.35
C LEU D 32 18.34 16.09 -26.60
N LEU D 33 17.71 14.93 -26.49
CA LEU D 33 18.39 13.66 -26.74
C LEU D 33 17.56 12.80 -27.68
N THR D 34 18.11 12.51 -28.85
CA THR D 34 17.42 11.70 -29.84
C THR D 34 17.25 10.27 -29.33
N ALA D 35 16.38 9.51 -30.00
CA ALA D 35 16.18 8.11 -29.66
C ALA D 35 17.49 7.35 -29.78
N GLU D 36 18.22 7.61 -30.86
CA GLU D 36 19.47 6.92 -31.16
C GLU D 36 20.55 7.13 -30.09
N GLN D 37 20.63 8.35 -29.57
CA GLN D 37 21.63 8.68 -28.56
C GLN D 37 21.36 7.97 -27.24
N ILE D 38 20.09 7.70 -26.97
CA ILE D 38 19.69 7.05 -25.73
C ILE D 38 20.06 5.57 -25.74
N GLN D 39 19.64 4.85 -26.77
CA GLN D 39 19.95 3.42 -26.90
C GLN D 39 21.44 3.16 -26.94
N ALA D 40 22.19 4.11 -27.48
CA ALA D 40 23.62 3.97 -27.62
C ALA D 40 24.34 4.14 -26.28
N ARG D 41 23.80 5.01 -25.44
CA ARG D 41 24.40 5.28 -24.14
C ARG D 41 24.06 4.19 -23.13
N ILE D 42 22.83 3.70 -23.18
CA ILE D 42 22.37 2.65 -22.29
C ILE D 42 23.16 1.35 -22.52
N ALA D 43 23.46 1.07 -23.79
CA ALA D 43 24.27 -0.09 -24.14
C ALA D 43 25.66 0.03 -23.55
N GLU D 44 26.19 1.25 -23.50
CA GLU D 44 27.49 1.51 -22.92
C GLU D 44 27.44 1.41 -21.40
N LEU D 45 26.34 1.89 -20.83
CA LEU D 45 26.13 1.79 -19.39
C LEU D 45 25.98 0.33 -18.97
N GLY D 46 25.29 -0.45 -19.79
CA GLY D 46 25.05 -1.84 -19.50
C GLY D 46 26.32 -2.65 -19.35
N GLU D 47 27.23 -2.51 -20.30
CA GLU D 47 28.49 -3.23 -20.28
C GLU D 47 29.36 -2.78 -19.11
N GLN D 48 29.30 -1.50 -18.78
CA GLN D 48 30.05 -0.95 -17.66
C GLN D 48 29.57 -1.55 -16.33
N ILE D 49 28.26 -1.58 -16.14
CA ILE D 49 27.67 -2.18 -14.96
C ILE D 49 27.93 -3.69 -14.95
N GLY D 50 27.84 -4.29 -16.12
CA GLY D 50 28.06 -5.72 -16.28
C GLY D 50 29.45 -6.16 -15.83
N ASN D 51 30.46 -5.41 -16.23
CA ASN D 51 31.83 -5.73 -15.85
C ASN D 51 32.09 -5.55 -14.36
N ASP D 52 31.47 -4.53 -13.78
CA ASP D 52 31.66 -4.22 -12.36
C ASP D 52 30.99 -5.26 -11.47
N TYR D 53 29.89 -5.85 -11.94
CA TYR D 53 29.12 -6.80 -11.15
C TYR D 53 29.28 -8.24 -11.61
N ARG D 54 30.11 -8.46 -12.62
CA ARG D 54 30.33 -9.80 -13.14
C ARG D 54 31.04 -10.68 -12.11
N GLU D 55 31.88 -10.06 -11.30
CA GLU D 55 32.60 -10.77 -10.25
C GLU D 55 31.64 -11.29 -9.19
N LEU D 56 30.92 -10.37 -8.55
CA LEU D 56 30.03 -10.69 -7.44
C LEU D 56 28.83 -11.53 -7.89
N SER D 57 28.58 -11.56 -9.19
CA SER D 57 27.44 -12.29 -9.75
C SER D 57 27.53 -13.79 -9.46
N ALA D 58 28.65 -14.40 -9.84
CA ALA D 58 28.84 -15.83 -9.65
C ALA D 58 29.47 -16.14 -8.31
N THR D 59 30.10 -15.14 -7.71
CA THR D 59 30.76 -15.31 -6.42
C THR D 59 29.74 -15.47 -5.29
N THR D 60 28.75 -14.59 -5.26
CA THR D 60 27.72 -14.64 -4.23
C THR D 60 26.61 -15.61 -4.60
N GLY D 61 26.45 -15.85 -5.89
CA GLY D 61 25.44 -16.79 -6.37
C GLY D 61 24.07 -16.16 -6.56
N GLN D 62 23.99 -14.85 -6.33
CA GLN D 62 22.73 -14.14 -6.50
C GLN D 62 22.83 -13.07 -7.58
N ASP D 63 21.71 -12.81 -8.25
CA ASP D 63 21.67 -11.86 -9.36
C ASP D 63 21.69 -10.41 -8.87
N LEU D 64 22.04 -9.50 -9.76
CA LEU D 64 22.01 -8.08 -9.46
C LEU D 64 20.57 -7.61 -9.29
N LEU D 65 20.32 -6.79 -8.28
CA LEU D 65 18.98 -6.35 -7.96
C LEU D 65 18.75 -4.91 -8.39
N LEU D 66 17.81 -4.70 -9.31
CA LEU D 66 17.48 -3.36 -9.77
C LEU D 66 16.23 -2.83 -9.06
N ILE D 67 16.40 -1.76 -8.30
CA ILE D 67 15.28 -1.12 -7.62
C ILE D 67 14.89 0.17 -8.31
N THR D 68 13.64 0.24 -8.75
CA THR D 68 13.14 1.39 -9.49
C THR D 68 11.93 2.02 -8.82
N VAL D 69 11.93 3.34 -8.74
CA VAL D 69 10.78 4.08 -8.20
C VAL D 69 9.81 4.44 -9.32
N LEU D 70 8.55 4.04 -9.15
CA LEU D 70 7.50 4.33 -10.13
C LEU D 70 7.32 5.83 -10.33
N LYS D 71 7.04 6.25 -11.56
CA LYS D 71 6.88 5.34 -12.69
C LYS D 71 7.67 5.81 -13.91
N GLY D 72 8.46 6.86 -13.73
CA GLY D 72 9.21 7.45 -14.83
C GLY D 72 10.35 6.57 -15.33
N ALA D 73 11.10 6.00 -14.40
CA ALA D 73 12.29 5.21 -14.75
C ALA D 73 11.93 3.80 -15.21
N VAL D 74 10.64 3.53 -15.35
CA VAL D 74 10.17 2.22 -15.79
C VAL D 74 10.68 1.87 -17.18
N LEU D 75 10.56 2.81 -18.11
CA LEU D 75 11.04 2.60 -19.47
C LEU D 75 12.55 2.42 -19.51
N PHE D 76 13.25 3.15 -18.63
CA PHE D 76 14.71 3.12 -18.60
C PHE D 76 15.24 1.81 -18.03
N VAL D 77 14.64 1.32 -16.96
CA VAL D 77 15.13 0.11 -16.30
C VAL D 77 14.89 -1.13 -17.16
N THR D 78 13.87 -1.09 -18.00
CA THR D 78 13.59 -2.22 -18.90
C THR D 78 14.65 -2.34 -19.99
N ASP D 79 15.05 -1.20 -20.54
CA ASP D 79 16.09 -1.18 -21.56
C ASP D 79 17.46 -1.41 -20.95
N LEU D 80 17.65 -0.92 -19.73
CA LEU D 80 18.94 -1.05 -19.04
C LEU D 80 19.23 -2.50 -18.67
N ALA D 81 18.23 -3.18 -18.13
CA ALA D 81 18.39 -4.57 -17.70
C ALA D 81 18.70 -5.49 -18.87
N ARG D 82 18.19 -5.15 -20.04
CA ARG D 82 18.46 -5.93 -21.24
C ARG D 82 19.78 -5.51 -21.89
N ALA D 83 20.40 -4.48 -21.32
CA ALA D 83 21.69 -4.01 -21.81
C ALA D 83 22.84 -4.54 -20.95
N ILE D 84 22.51 -4.88 -19.71
CA ILE D 84 23.50 -5.42 -18.78
C ILE D 84 23.73 -6.91 -19.06
N PRO D 85 24.99 -7.29 -19.36
CA PRO D 85 25.34 -8.66 -19.75
C PRO D 85 25.37 -9.67 -18.60
N VAL D 86 24.84 -9.29 -17.43
CA VAL D 86 24.71 -10.23 -16.33
C VAL D 86 23.24 -10.30 -15.90
N PRO D 87 22.81 -11.46 -15.36
CA PRO D 87 21.42 -11.62 -14.92
C PRO D 87 21.00 -10.58 -13.88
N THR D 88 19.93 -9.85 -14.17
CA THR D 88 19.44 -8.82 -13.26
C THR D 88 17.98 -9.04 -12.92
N GLN D 89 17.62 -8.74 -11.68
CA GLN D 89 16.24 -8.88 -11.22
C GLN D 89 15.55 -7.53 -11.12
N PHE D 90 14.22 -7.55 -11.17
CA PHE D 90 13.44 -6.32 -11.10
C PHE D 90 12.79 -6.13 -9.74
N GLU D 91 12.74 -4.87 -9.29
CA GLU D 91 12.06 -4.52 -8.06
C GLU D 91 11.53 -3.10 -8.16
N PHE D 92 10.29 -2.90 -7.72
CA PHE D 92 9.65 -1.59 -7.85
C PHE D 92 9.16 -1.06 -6.52
N MET D 93 9.10 0.27 -6.42
CA MET D 93 8.62 0.93 -5.22
C MET D 93 7.81 2.17 -5.57
N ALA D 94 6.56 2.21 -5.13
CA ALA D 94 5.71 3.37 -5.36
C ALA D 94 5.78 4.31 -4.15
N VAL D 95 6.07 5.58 -4.41
CA VAL D 95 6.21 6.56 -3.34
C VAL D 95 5.34 7.79 -3.56
N SER D 96 5.17 8.57 -2.50
CA SER D 96 4.41 9.80 -2.56
C SER D 96 5.03 10.84 -1.63
N SER D 97 4.70 12.11 -1.85
CA SER D 97 5.25 13.18 -1.03
C SER D 97 4.22 13.71 -0.04
N TYR D 98 4.57 13.70 1.24
CA TYR D 98 3.72 14.29 2.28
C TYR D 98 3.54 15.78 2.02
N GLY D 99 4.67 16.46 1.83
CA GLY D 99 4.70 17.89 1.56
C GLY D 99 6.12 18.34 1.26
N SER D 100 6.41 18.54 -0.02
CA SER D 100 7.74 18.88 -0.50
C SER D 100 8.78 17.80 -0.16
N GLY D 106 14.57 13.99 1.48
CA GLY D 106 13.21 14.49 1.30
C GLY D 106 12.18 13.65 2.01
N VAL D 107 11.08 14.28 2.40
CA VAL D 107 10.01 13.58 3.10
C VAL D 107 9.17 12.76 2.11
N VAL D 108 9.20 11.44 2.27
CA VAL D 108 8.61 10.54 1.30
C VAL D 108 7.65 9.52 1.95
N ARG D 109 6.45 9.40 1.39
CA ARG D 109 5.49 8.39 1.83
C ARG D 109 5.59 7.15 0.95
N ILE D 110 5.53 5.98 1.58
CA ILE D 110 5.61 4.73 0.83
C ILE D 110 4.22 4.19 0.48
N LEU D 111 3.92 4.15 -0.80
CA LEU D 111 2.65 3.62 -1.29
C LEU D 111 2.74 2.13 -1.58
N LYS D 112 3.92 1.70 -2.02
CA LYS D 112 4.17 0.28 -2.24
C LYS D 112 5.61 -0.06 -1.91
N ASP D 113 5.80 -0.83 -0.84
CA ASP D 113 7.13 -1.22 -0.41
C ASP D 113 7.67 -2.32 -1.33
N LEU D 114 8.95 -2.66 -1.17
CA LEU D 114 9.57 -3.71 -1.96
C LEU D 114 8.92 -5.06 -1.67
N ASP D 115 9.06 -5.99 -2.61
N ASP D 115 9.03 -5.99 -2.61
CA ASP D 115 8.40 -7.29 -2.51
CA ASP D 115 8.41 -7.30 -2.47
C ASP D 115 9.24 -8.30 -1.72
C ASP D 115 9.24 -8.26 -1.64
N ARG D 116 10.55 -8.10 -1.68
CA ARG D 116 11.43 -9.02 -0.97
CA ARG D 116 11.47 -9.01 -1.01
C ARG D 116 12.46 -8.30 -0.11
N ASP D 117 13.22 -9.09 0.65
CA ASP D 117 14.25 -8.57 1.54
C ASP D 117 15.47 -8.14 0.74
N ILE D 118 16.09 -7.04 1.17
CA ILE D 118 17.24 -6.48 0.50
C ILE D 118 18.53 -6.93 1.20
N HIS D 119 18.36 -7.44 2.42
CA HIS D 119 19.47 -7.89 3.24
C HIS D 119 20.43 -8.83 2.51
N GLY D 120 21.66 -8.38 2.31
CA GLY D 120 22.69 -9.19 1.70
C GLY D 120 22.58 -9.31 0.20
N ARG D 121 22.04 -8.27 -0.44
CA ARG D 121 21.88 -8.28 -1.88
C ARG D 121 22.65 -7.14 -2.54
N ASP D 122 23.16 -7.39 -3.74
CA ASP D 122 23.80 -6.34 -4.53
C ASP D 122 22.73 -5.53 -5.23
N VAL D 123 22.57 -4.28 -4.81
CA VAL D 123 21.46 -3.46 -5.28
C VAL D 123 21.91 -2.21 -6.02
N LEU D 124 21.32 -1.98 -7.18
CA LEU D 124 21.58 -0.77 -7.96
C LEU D 124 20.31 0.04 -8.14
N ILE D 125 20.24 1.20 -7.48
CA ILE D 125 19.11 2.10 -7.63
C ILE D 125 19.05 2.65 -9.05
N VAL D 126 17.91 2.47 -9.70
CA VAL D 126 17.74 2.91 -11.08
C VAL D 126 16.76 4.09 -11.16
N GLU D 127 17.29 5.27 -11.49
CA GLU D 127 16.49 6.47 -11.58
C GLU D 127 16.41 7.00 -13.00
N ASP D 128 15.37 7.79 -13.28
CA ASP D 128 15.20 8.41 -14.58
C ASP D 128 15.97 9.74 -14.64
N VAL D 129 15.85 10.52 -13.57
CA VAL D 129 16.51 11.82 -13.49
C VAL D 129 16.65 12.25 -12.03
N VAL D 130 17.76 12.90 -11.71
CA VAL D 130 17.97 13.45 -10.37
C VAL D 130 18.33 14.93 -10.47
N ASP D 131 17.61 15.75 -9.72
CA ASP D 131 17.83 17.20 -9.74
C ASP D 131 18.09 17.72 -8.32
N SER D 132 17.04 17.77 -7.52
CA SER D 132 17.17 18.18 -6.13
C SER D 132 17.85 17.07 -5.32
N GLY D 133 17.53 15.83 -5.66
CA GLY D 133 18.14 14.69 -5.00
C GLY D 133 17.58 14.41 -3.62
N LEU D 134 16.44 15.04 -3.31
CA LEU D 134 15.82 14.86 -2.00
C LEU D 134 15.26 13.45 -1.83
N THR D 135 14.53 12.99 -2.84
CA THR D 135 13.95 11.65 -2.81
C THR D 135 15.03 10.58 -2.87
N LEU D 136 16.06 10.85 -3.68
CA LEU D 136 17.19 9.94 -3.81
C LEU D 136 17.93 9.79 -2.48
N SER D 137 18.10 10.92 -1.80
CA SER D 137 18.74 10.92 -0.48
C SER D 137 17.92 10.11 0.51
N TRP D 138 16.59 10.20 0.39
CA TRP D 138 15.70 9.45 1.25
C TRP D 138 15.75 7.96 0.90
N LEU D 139 15.70 7.66 -0.39
CA LEU D 139 15.71 6.28 -0.85
C LEU D 139 17.01 5.58 -0.49
N SER D 140 18.12 6.28 -0.64
CA SER D 140 19.43 5.75 -0.31
C SER D 140 19.51 5.38 1.17
N ARG D 141 19.12 6.32 2.02
CA ARG D 141 19.14 6.11 3.46
C ARG D 141 18.19 4.99 3.88
N ASN D 142 17.05 4.90 3.20
CA ASN D 142 16.05 3.88 3.52
C ASN D 142 16.51 2.48 3.15
N LEU D 143 17.10 2.34 1.96
CA LEU D 143 17.56 1.04 1.50
C LEU D 143 18.75 0.53 2.30
N THR D 144 19.61 1.45 2.73
CA THR D 144 20.78 1.08 3.52
C THR D 144 20.39 0.54 4.88
N SER D 145 19.23 0.95 5.39
CA SER D 145 18.73 0.46 6.66
C SER D 145 18.32 -1.01 6.55
N ARG D 146 18.01 -1.44 5.33
CA ARG D 146 17.68 -2.84 5.06
C ARG D 146 18.95 -3.67 4.97
N ASN D 147 20.10 -3.00 5.08
CA ASN D 147 21.42 -3.63 5.07
C ASN D 147 21.70 -4.47 3.82
N PRO D 148 21.85 -3.80 2.66
CA PRO D 148 22.22 -4.52 1.43
C PRO D 148 23.71 -4.87 1.45
N ARG D 149 24.11 -5.82 0.62
CA ARG D 149 25.53 -6.16 0.50
C ARG D 149 26.28 -5.02 -0.17
N SER D 150 25.65 -4.43 -1.19
CA SER D 150 26.20 -3.26 -1.87
C SER D 150 25.08 -2.38 -2.42
N LEU D 151 25.26 -1.07 -2.36
CA LEU D 151 24.24 -0.14 -2.80
C LEU D 151 24.83 0.97 -3.66
N ARG D 152 24.39 1.03 -4.92
CA ARG D 152 24.84 2.07 -5.85
C ARG D 152 23.66 2.67 -6.61
N VAL D 153 23.91 3.79 -7.28
CA VAL D 153 22.85 4.51 -7.98
C VAL D 153 23.16 4.66 -9.46
N CYS D 154 22.16 4.43 -10.31
CA CYS D 154 22.29 4.66 -11.74
C CYS D 154 21.13 5.49 -12.27
N THR D 155 21.43 6.67 -12.78
CA THR D 155 20.40 7.55 -13.33
C THR D 155 20.63 7.82 -14.80
N LEU D 156 19.54 7.94 -15.56
CA LEU D 156 19.63 8.23 -16.99
C LEU D 156 20.05 9.69 -17.21
N LEU D 157 19.48 10.59 -16.41
CA LEU D 157 19.76 12.01 -16.55
C LEU D 157 20.17 12.63 -15.22
N ARG D 158 21.02 13.65 -15.29
CA ARG D 158 21.45 14.39 -14.11
C ARG D 158 21.42 15.89 -14.35
N LYS D 159 20.74 16.60 -13.47
CA LYS D 159 20.65 18.06 -13.56
C LYS D 159 21.78 18.72 -12.76
N PRO D 160 22.21 19.93 -13.16
CA PRO D 160 23.31 20.68 -12.55
C PRO D 160 23.31 20.72 -11.01
N ASP D 161 22.11 20.76 -10.41
N ASP D 161 22.11 20.76 -10.42
CA ASP D 161 22.00 20.82 -8.96
CA ASP D 161 22.00 20.82 -8.96
C ASP D 161 22.35 19.46 -8.32
C ASP D 161 22.26 19.46 -8.32
N ALA D 162 22.41 18.43 -9.15
CA ALA D 162 22.67 17.08 -8.66
C ALA D 162 24.08 16.59 -9.01
N VAL D 163 24.86 17.45 -9.64
CA VAL D 163 26.23 17.08 -10.04
C VAL D 163 27.11 16.92 -8.81
N HIS D 164 26.99 17.83 -7.85
CA HIS D 164 27.78 17.78 -6.63
C HIS D 164 26.92 17.50 -5.40
N ALA D 165 26.15 16.40 -5.46
CA ALA D 165 25.34 15.99 -4.33
C ALA D 165 26.11 15.02 -3.45
N ASN D 166 25.57 14.73 -2.26
CA ASN D 166 26.22 13.81 -1.34
C ASN D 166 26.02 12.36 -1.74
N VAL D 167 24.86 12.06 -2.30
CA VAL D 167 24.58 10.71 -2.78
C VAL D 167 25.41 10.42 -4.03
N GLU D 168 26.38 9.52 -3.90
CA GLU D 168 27.27 9.19 -4.99
C GLU D 168 26.55 8.39 -6.08
N ILE D 169 26.67 8.84 -7.32
CA ILE D 169 26.09 8.14 -8.46
C ILE D 169 27.20 7.65 -9.40
N ALA D 170 27.41 6.35 -9.41
CA ALA D 170 28.51 5.77 -10.17
C ALA D 170 28.22 5.67 -11.67
N TYR D 171 26.94 5.71 -12.02
CA TYR D 171 26.55 5.54 -13.41
C TYR D 171 25.58 6.64 -13.87
N VAL D 172 26.12 7.64 -14.55
CA VAL D 172 25.31 8.74 -15.07
C VAL D 172 25.22 8.65 -16.60
N GLY D 173 23.98 8.61 -17.11
CA GLY D 173 23.76 8.54 -18.54
C GLY D 173 24.12 9.83 -19.25
N PHE D 174 23.46 10.93 -18.85
CA PHE D 174 23.68 12.21 -19.49
C PHE D 174 23.72 13.36 -18.47
N ASP D 175 24.55 14.35 -18.76
CA ASP D 175 24.57 15.59 -17.98
C ASP D 175 23.80 16.68 -18.71
N ILE D 176 22.48 16.70 -18.52
CA ILE D 176 21.61 17.64 -19.21
C ILE D 176 21.50 18.96 -18.44
N PRO D 177 21.19 20.07 -19.16
CA PRO D 177 20.96 21.36 -18.51
C PRO D 177 19.68 21.37 -17.67
N ASN D 178 19.40 22.51 -17.04
CA ASN D 178 18.27 22.62 -16.12
C ASN D 178 16.93 22.82 -16.84
N ASP D 179 16.89 22.46 -18.12
CA ASP D 179 15.65 22.55 -18.90
C ASP D 179 14.64 21.51 -18.43
N PHE D 180 13.38 21.90 -18.35
CA PHE D 180 12.31 20.96 -18.04
C PHE D 180 12.01 20.10 -19.25
N VAL D 181 12.41 18.83 -19.19
CA VAL D 181 12.28 17.94 -20.34
C VAL D 181 11.29 16.81 -20.07
N VAL D 182 10.71 16.29 -21.16
CA VAL D 182 9.79 15.17 -21.09
C VAL D 182 10.23 14.09 -22.08
N GLY D 183 9.60 12.93 -21.98
CA GLY D 183 9.90 11.84 -22.89
C GLY D 183 10.72 10.73 -22.25
N TYR D 184 10.58 9.52 -22.78
CA TYR D 184 11.27 8.34 -22.27
C TYR D 184 11.00 8.14 -20.79
N GLY D 185 9.72 8.11 -20.43
CA GLY D 185 9.32 7.94 -19.05
C GLY D 185 9.02 9.25 -18.35
N LEU D 186 9.79 10.28 -18.67
CA LEU D 186 9.58 11.60 -18.10
C LEU D 186 8.25 12.18 -18.54
N ASP D 187 7.68 13.08 -17.74
CA ASP D 187 6.34 13.57 -18.00
C ASP D 187 6.05 14.96 -17.47
N TYR D 188 4.94 15.52 -17.97
CA TYR D 188 4.30 16.65 -17.34
C TYR D 188 2.79 16.36 -17.29
N ASP D 189 2.26 16.24 -16.08
CA ASP D 189 0.87 15.86 -15.86
C ASP D 189 0.57 14.52 -16.54
N GLU D 190 1.46 13.56 -16.32
CA GLU D 190 1.28 12.17 -16.78
C GLU D 190 1.17 12.03 -18.30
N ARG D 191 1.84 12.91 -19.04
CA ARG D 191 1.85 12.81 -20.50
C ARG D 191 3.27 12.73 -21.04
N TYR D 192 3.38 12.47 -22.34
CA TYR D 192 4.66 12.41 -23.05
C TYR D 192 5.59 11.30 -22.56
N ARG D 193 5.08 10.40 -21.72
CA ARG D 193 5.90 9.31 -21.19
C ARG D 193 6.29 8.31 -22.28
N ASP D 194 5.41 8.14 -23.25
CA ASP D 194 5.59 7.11 -24.29
C ASP D 194 6.56 7.53 -25.38
N LEU D 195 7.09 8.75 -25.28
CA LEU D 195 8.03 9.25 -26.27
C LEU D 195 9.32 8.44 -26.26
N SER D 196 9.78 8.03 -27.44
CA SER D 196 11.00 7.25 -27.57
C SER D 196 12.24 8.11 -27.38
N TYR D 197 12.06 9.43 -27.43
CA TYR D 197 13.16 10.36 -27.27
C TYR D 197 12.91 11.31 -26.10
N ILE D 198 13.90 12.15 -25.81
CA ILE D 198 13.79 13.15 -24.75
C ILE D 198 13.90 14.55 -25.35
N GLY D 199 12.88 15.37 -25.13
CA GLY D 199 12.86 16.71 -25.69
C GLY D 199 12.47 17.79 -24.70
N THR D 200 12.83 19.03 -25.01
CA THR D 200 12.49 20.17 -24.17
C THR D 200 11.05 20.59 -24.40
N LEU D 201 10.23 20.48 -23.36
CA LEU D 201 8.81 20.83 -23.45
C LEU D 201 8.65 22.35 -23.57
N ASP D 202 7.70 22.76 -24.41
CA ASP D 202 7.42 24.17 -24.62
C ASP D 202 6.77 24.80 -23.39
N PRO D 203 7.19 26.02 -23.02
CA PRO D 203 6.65 26.76 -21.87
C PRO D 203 5.14 26.96 -21.93
N ARG D 204 4.58 26.94 -23.13
CA ARG D 204 3.13 27.11 -23.31
C ARG D 204 2.37 25.94 -22.69
N VAL D 205 3.02 24.81 -22.57
CA VAL D 205 2.39 23.61 -22.03
C VAL D 205 2.32 23.62 -20.51
N TYR D 206 3.47 23.81 -19.86
CA TYR D 206 3.53 23.74 -18.40
C TYR D 206 3.35 25.11 -17.73
N GLN D 207 2.48 25.94 -18.30
CA GLN D 207 2.17 27.23 -17.70
C GLN D 207 0.91 27.13 -16.83
C4 6W7 E . 1.87 -12.24 20.59
C5 6W7 E . 2.15 -12.85 21.78
C6 6W7 E . 1.13 -13.25 22.56
C8 6W7 E . 4.03 -12.30 20.74
N1 6W7 E . -0.15 -13.06 22.17
N3 6W7 E . 0.65 -12.04 20.18
OAC 6W7 E . 8.10 -10.11 19.34
PAU 6W7 E . 7.41 -8.77 19.28
OAD 6W7 E . 8.15 -7.80 20.16
OAB 6W7 E . 7.43 -8.25 17.84
CAI 6W7 E . 5.66 -8.93 19.84
OAN 6W7 E . 5.12 -10.16 19.32
CAR 6W7 E . 3.84 -10.02 18.72
CAG 6W7 E . 4.07 -9.69 17.24
NAL 6W7 E . 4.04 -11.15 16.58
CAH 6W7 E . 3.79 -12.13 17.73
CAS 6W7 E . 3.11 -11.29 18.73
N9 6W7 E . 3.02 -11.95 20.05
C2 6W7 E . -0.41 -12.44 20.95
O6 6W7 E . 1.39 -13.87 23.79
N7 6W7 E . 3.55 -12.89 21.88
MG MG F . -1.20 -11.42 16.02
MG MG G . 1.71 -4.79 18.23
P1 POP H . -0.98 -8.24 15.28
P1 POP H . -1.04 -8.28 15.25
O1 POP H . -1.78 -9.33 15.97
O1 POP H . -2.20 -9.06 15.83
O2 POP H . -1.47 -8.09 13.87
O2 POP H . -0.73 -7.09 16.14
O3 POP H . -1.15 -6.93 16.03
O3 POP H . 0.18 -9.16 15.17
O POP H . 0.57 -8.67 15.31
O POP H . -1.45 -7.75 13.78
P2 POP H . 1.12 -9.90 14.41
P2 POP H . -0.80 -8.38 12.45
O4 POP H . 0.70 -11.21 15.04
O4 POP H . -0.55 -9.86 12.63
O5 POP H . 0.53 -9.79 13.02
O5 POP H . -1.77 -8.19 11.32
O6 POP H . 2.62 -9.83 14.33
O6 POP H . 0.50 -7.67 12.13
C4 6W7 I . -17.66 14.02 9.35
C5 6W7 I . -18.77 14.65 9.82
C6 6W7 I . -18.77 15.12 11.08
C8 6W7 I . -19.07 14.02 7.71
N1 6W7 I . -17.68 14.95 11.86
N3 6W7 I . -16.59 13.84 10.09
OAC 6W7 I . -20.32 11.40 3.70
PAU 6W7 I . -19.94 10.14 4.44
OAD 6W7 I . -21.13 9.22 4.50
OAB 6W7 I . -18.80 9.46 3.73
CAI 6W7 I . -19.42 10.56 6.16
OAN 6W7 I . -18.63 11.78 6.12
CAR 6W7 I . -17.38 11.67 6.77
CAG 6W7 I . -16.34 11.27 5.70
NAL 6W7 I . -15.77 12.69 5.27
CAH 6W7 I . -16.54 13.73 6.11
CAS 6W7 I . -16.92 12.96 7.29
N9 6W7 I . -17.92 13.68 8.12
C2 6W7 I . -16.56 14.30 11.37
O6 6W7 I . -19.91 15.78 11.59
N7 6W7 I . -19.69 14.65 8.76
MG MG J . -12.13 12.65 9.26
MG MG K . -16.17 6.43 9.61
P1 POP L . -11.74 9.70 8.93
P1 POP L . -11.55 9.66 8.65
O1 POP L . -12.14 10.55 10.11
O1 POP L . -11.15 10.60 9.77
O2 POP L . -10.28 9.98 8.61
O2 POP L . -12.41 8.54 9.19
O3 POP L . -11.93 8.25 9.25
O3 POP L . -12.33 10.41 7.60
O POP L . -12.68 10.12 7.69
O POP L . -10.22 9.03 7.98
P2 POP L . -12.16 11.08 6.50
P2 POP L . -9.61 9.64 6.63
O4 POP L . -12.03 12.50 7.03
O4 POP L . -9.76 11.14 6.64
O5 POP L . -10.82 10.59 6.01
O5 POP L . -8.14 9.31 6.57
O6 POP L . -13.15 11.07 5.37
O6 POP L . -10.33 9.06 5.43
C4 6W7 M . 3.31 -17.78 -15.69
C5 6W7 M . 3.34 -18.75 -16.65
C6 6W7 M . 4.50 -19.00 -17.29
C8 6W7 M . 1.31 -18.58 -15.79
N1 6W7 M . 5.61 -18.30 -16.97
N3 6W7 M . 4.37 -17.09 -15.37
OAC 6W7 M . -3.70 -17.81 -14.83
PAU 6W7 M . -3.26 -16.38 -14.98
OAD 6W7 M . -3.27 -15.71 -13.62
OAB 6W7 M . -4.21 -15.66 -15.91
CAI 6W7 M . -1.56 -16.32 -15.68
OAN 6W7 M . -0.63 -16.86 -14.73
CAR 6W7 M . 0.48 -16.03 -14.42
CAG 6W7 M . 0.17 -15.34 -13.09
NAL 6W7 M . 0.76 -16.39 -12.05
CAH 6W7 M . 1.44 -17.49 -12.90
CAS 6W7 M . 1.69 -16.80 -14.16
N9 6W7 M . 2.09 -17.74 -15.24
C2 6W7 M . 5.57 -17.32 -15.99
O6 6W7 M . 4.56 -20.00 -18.29
N7 6W7 M . 2.04 -19.27 -16.72
MG MG N . 5.88 -14.58 -11.68
MG MG O . 0.28 -10.31 -15.84
P1 POP P . 4.57 -11.55 -11.73
P1 POP P . 4.72 -11.65 -11.69
O1 POP P . 4.88 -10.17 -11.20
O1 POP P . 4.15 -11.11 -12.98
O2 POP P . 5.64 -12.52 -11.30
O2 POP P . 6.02 -12.35 -11.95
O3 POP P . 4.52 -11.49 -13.24
O3 POP P . 3.73 -12.63 -11.09
O POP P . 3.15 -12.04 -11.17
O POP P . 4.95 -10.43 -10.66
P2 POP P . 2.98 -13.55 -10.60
P2 POP P . 4.58 -10.60 -9.10
O4 POP P . 3.62 -13.61 -9.24
O4 POP P . 5.30 -9.53 -8.32
O5 POP P . 3.67 -14.52 -11.53
O5 POP P . 5.04 -11.96 -8.62
O6 POP P . 1.51 -13.88 -10.50
O6 POP P . 3.09 -10.47 -8.91
C4 6W7 Q . 11.41 16.18 -13.73
C5 6W7 Q . 12.26 16.99 -14.41
C6 6W7 Q . 12.18 17.08 -15.75
C8 6W7 Q . 12.67 17.09 -12.22
N1 6W7 Q . 11.25 16.35 -16.40
N3 6W7 Q . 10.50 15.47 -14.35
OAC 6W7 Q . 13.98 16.48 -8.17
PAU 6W7 Q . 14.28 15.01 -7.98
OAD 6W7 Q . 13.51 14.49 -6.78
OAB 6W7 Q . 15.76 14.83 -7.75
CAI 6W7 Q . 13.77 14.08 -9.49
OAN 6W7 Q . 13.06 14.96 -10.39
CAR 6W7 Q . 11.75 14.50 -10.75
CAG 6W7 Q . 10.98 14.14 -9.47
NAL 6W7 Q . 10.10 15.45 -9.26
CAH 6W7 Q . 10.52 16.44 -10.35
CAS 6W7 Q . 10.98 15.55 -11.42
N9 6W7 Q . 11.72 16.28 -12.47
C2 6W7 Q . 10.38 15.53 -15.71
O6 6W7 Q . 13.07 17.91 -16.47
N7 6W7 Q . 13.10 17.58 -13.43
MG MG R . 6.67 12.98 -13.25
MG MG S . 12.62 8.79 -10.70
P1 POP T . 7.20 10.09 -11.72
P1 POP T . 6.94 10.16 -11.76
O1 POP T . 5.85 9.72 -11.17
O1 POP T . 8.30 9.53 -11.92
O2 POP T . 7.02 10.84 -13.02
O2 POP T . 6.46 10.73 -13.07
O3 POP T . 8.02 8.84 -11.97
O3 POP T . 7.04 11.27 -10.72
O POP T . 7.98 11.06 -10.70
O POP T . 5.89 9.04 -11.25
P2 POP T . 7.26 12.33 -10.02
P2 POP T . 4.83 9.35 -10.08
O4 POP T . 5.89 11.93 -9.52
O4 POP T . 3.64 8.44 -10.27
O5 POP T . 7.14 13.44 -11.02
O5 POP T . 4.37 10.78 -10.18
O6 POP T . 8.08 12.80 -8.84
O6 POP T . 5.46 9.11 -8.73
#